data_4JN9
#
_entry.id   4JN9
#
_cell.length_a   78.120
_cell.length_b   78.120
_cell.length_c   187.415
_cell.angle_alpha   90.00
_cell.angle_beta   90.00
_cell.angle_gamma   120.00
#
_symmetry.space_group_name_H-M   'P 31 2 1'
#
loop_
_entity.id
_entity.type
_entity.pdbx_description
1 polymer DepH
2 non-polymer 'FLAVIN-ADENINE DINUCLEOTIDE'
3 non-polymer 'CHLORIDE ION'
4 non-polymer 'MAGNESIUM ION'
5 non-polymer 'PHOSPHATE ION'
6 non-polymer 1,2-ETHANEDIOL
7 water water
#
_entity_poly.entity_id   1
_entity_poly.type   'polypeptide(L)'
_entity_poly.pdbx_seq_one_letter_code
;MGSSHHHHHHSSGLVPRGSHMMKAARAPSHSFPIKDSRPMNSETSPMLFDVIVIGGSHAGQSAALQIARARRRVLVIDAG
ARRNRFASQSHGVIGQDGRSPDAIAADGKAQLLAYPNAQWREDSVVRAERSDAGYTLICASGQHYRACQLVLAFGVVDEL
PELEGLEERWGESVFHCPYCHGYELDGGRIGVLGSGPLSYLSAMLMPEWGQTVFLTDASFEPDEEQREALARRGVEIVRD
RIARIVDRATVELADGRRIAFDGLFTMNRMRLSSPVAEQLGCAIEEGPLGPYVRTDDAMETSTPGVFACGDITHRGGTVA
LAIGNGALAGIAAHRKLVFG
;
_entity_poly.pdbx_strand_id   A,B
#
loop_
_chem_comp.id
_chem_comp.type
_chem_comp.name
_chem_comp.formula
CL non-polymer 'CHLORIDE ION' 'Cl -1'
EDO non-polymer 1,2-ETHANEDIOL 'C2 H6 O2'
FAD non-polymer 'FLAVIN-ADENINE DINUCLEOTIDE' 'C27 H33 N9 O15 P2'
MG non-polymer 'MAGNESIUM ION' 'Mg 2'
PO4 non-polymer 'PHOSPHATE ION' 'O4 P -3'
#
# COMPACT_ATOMS: atom_id res chain seq x y z
N SER A 42 4.66 18.79 38.30
CA SER A 42 4.32 18.26 39.61
C SER A 42 4.42 16.74 39.63
N GLU A 43 3.46 16.11 38.97
CA GLU A 43 3.37 14.65 38.97
C GLU A 43 2.60 14.12 37.77
N THR A 44 3.04 12.98 37.25
CA THR A 44 2.37 12.35 36.13
C THR A 44 2.55 10.83 36.17
N SER A 45 1.57 10.11 35.63
CA SER A 45 1.60 8.66 35.64
C SER A 45 2.50 8.13 34.53
N PRO A 46 3.27 7.06 34.83
CA PRO A 46 4.20 6.54 33.82
C PRO A 46 3.42 5.85 32.70
N MET A 47 4.00 5.85 31.50
CA MET A 47 3.35 5.18 30.38
C MET A 47 4.40 4.35 29.67
N LEU A 48 3.96 3.26 29.06
CA LEU A 48 4.85 2.44 28.26
C LEU A 48 4.07 1.99 27.05
N PHE A 49 4.66 2.10 25.87
CA PHE A 49 3.95 1.75 24.66
C PHE A 49 4.56 0.52 24.05
N ASP A 50 3.71 -0.32 23.48
CA ASP A 50 4.21 -1.47 22.74
C ASP A 50 5.02 -0.97 21.55
N VAL A 51 4.48 0.00 20.84
CA VAL A 51 5.19 0.57 19.69
C VAL A 51 5.07 2.08 19.69
N ILE A 52 6.17 2.77 19.40
CA ILE A 52 6.09 4.17 19.09
C ILE A 52 6.45 4.35 17.61
N VAL A 53 5.61 5.09 16.90
CA VAL A 53 5.83 5.41 15.49
C VAL A 53 6.37 6.84 15.42
N ILE A 54 7.54 7.00 14.80
CA ILE A 54 8.13 8.32 14.70
C ILE A 54 7.78 8.88 13.34
N GLY A 55 6.89 9.88 13.33
CA GLY A 55 6.38 10.44 12.09
C GLY A 55 4.93 10.02 11.94
N GLY A 56 4.04 10.99 11.74
CA GLY A 56 2.61 10.68 11.78
C GLY A 56 1.87 11.19 10.57
N SER A 57 2.51 11.04 9.41
CA SER A 57 1.85 11.31 8.15
C SER A 57 1.35 9.98 7.59
N HIS A 58 1.32 9.83 6.27
CA HIS A 58 0.67 8.66 5.66
C HIS A 58 1.24 7.31 6.07
N ALA A 59 2.57 7.19 6.04
CA ALA A 59 3.20 5.92 6.38
C ALA A 59 3.00 5.60 7.85
N GLY A 60 3.25 6.56 8.72
CA GLY A 60 3.17 6.30 10.16
C GLY A 60 1.75 6.04 10.63
N GLN A 61 0.79 6.78 10.09
CA GLN A 61 -0.60 6.55 10.46
C GLN A 61 -1.03 5.17 10.02
N SER A 62 -0.60 4.75 8.84
CA SER A 62 -0.99 3.42 8.36
C SER A 62 -0.40 2.33 9.24
N ALA A 63 0.87 2.49 9.62
CA ALA A 63 1.50 1.56 10.56
C ALA A 63 0.80 1.55 11.90
N ALA A 64 0.57 2.74 12.48
CA ALA A 64 0.00 2.83 13.83
C ALA A 64 -1.39 2.21 13.86
N LEU A 65 -2.13 2.33 12.75
CA LEU A 65 -3.49 1.79 12.73
C LEU A 65 -3.51 0.27 12.87
N GLN A 66 -2.55 -0.43 12.24
CA GLN A 66 -2.50 -1.89 12.38
C GLN A 66 -2.27 -2.28 13.84
N ILE A 67 -1.34 -1.59 14.48
CA ILE A 67 -1.03 -1.85 15.88
C ILE A 67 -2.22 -1.54 16.76
N ALA A 68 -2.92 -0.44 16.49
CA ALA A 68 -4.10 -0.10 17.29
C ALA A 68 -5.18 -1.18 17.16
N ARG A 69 -5.35 -1.68 15.95
CA ARG A 69 -6.35 -2.74 15.70
C ARG A 69 -5.92 -4.10 16.25
N ALA A 70 -4.66 -4.22 16.61
CA ALA A 70 -4.18 -5.43 17.28
C ALA A 70 -4.28 -5.29 18.81
N ARG A 71 -5.01 -4.27 19.26
CA ARG A 71 -5.20 -4.02 20.70
C ARG A 71 -3.89 -3.90 21.47
N ARG A 72 -2.90 -3.25 20.85
CA ARG A 72 -1.66 -2.94 21.57
C ARG A 72 -1.61 -1.42 21.74
N ARG A 73 -0.73 -0.95 22.63
N ARG A 73 -0.73 -0.95 22.63
CA ARG A 73 -0.65 0.48 22.90
CA ARG A 73 -0.66 0.47 22.90
C ARG A 73 0.35 1.13 21.95
C ARG A 73 0.34 1.13 21.96
N VAL A 74 -0.12 2.10 21.17
CA VAL A 74 0.73 2.76 20.17
C VAL A 74 0.71 4.27 20.36
N LEU A 75 1.88 4.89 20.25
CA LEU A 75 1.99 6.33 20.29
C LEU A 75 2.61 6.80 18.98
N VAL A 76 2.01 7.83 18.40
CA VAL A 76 2.61 8.51 17.27
C VAL A 76 3.20 9.82 17.78
N ILE A 77 4.50 10.04 17.53
CA ILE A 77 5.12 11.33 17.77
C ILE A 77 5.38 11.98 16.43
N ASP A 78 4.79 13.14 16.20
CA ASP A 78 4.84 13.76 14.88
C ASP A 78 5.14 15.24 14.95
N ALA A 79 6.09 15.70 14.12
CA ALA A 79 6.56 17.08 14.19
C ALA A 79 5.80 18.00 13.27
N GLY A 80 4.80 17.48 12.56
CA GLY A 80 3.88 18.31 11.80
C GLY A 80 4.41 18.97 10.53
N ALA A 81 5.37 18.34 9.86
CA ALA A 81 5.87 18.92 8.61
C ALA A 81 5.97 17.87 7.51
N ARG A 82 4.85 17.60 6.85
CA ARG A 82 4.79 16.57 5.81
C ARG A 82 5.50 17.05 4.57
N ARG A 83 6.07 16.12 3.82
CA ARG A 83 6.74 16.45 2.56
C ARG A 83 5.78 17.09 1.57
N ASN A 84 4.50 16.71 1.64
CA ASN A 84 3.50 17.19 0.70
C ASN A 84 2.70 18.37 1.24
N ARG A 85 3.31 19.18 2.11
CA ARG A 85 2.58 20.31 2.70
C ARG A 85 2.51 21.49 1.74
N PHE A 86 3.15 21.36 0.59
CA PHE A 86 3.25 22.46 -0.36
C PHE A 86 2.19 22.50 -1.47
N ALA A 87 1.60 21.36 -1.83
CA ALA A 87 0.62 21.35 -2.91
C ALA A 87 -0.81 21.44 -2.39
N SER A 88 -1.73 21.94 -3.22
CA SER A 88 -3.11 22.15 -2.80
C SER A 88 -3.91 20.86 -2.85
N GLN A 89 -3.50 19.94 -3.73
CA GLN A 89 -4.20 18.68 -3.89
C GLN A 89 -3.24 17.51 -3.95
N SER A 90 -3.74 16.35 -3.53
CA SER A 90 -3.04 15.10 -3.67
C SER A 90 -3.68 14.29 -4.79
N HIS A 91 -2.89 13.52 -5.53
CA HIS A 91 -3.43 12.69 -6.61
C HIS A 91 -2.81 11.30 -6.63
N GLY A 92 -3.54 10.33 -7.18
CA GLY A 92 -2.97 9.03 -7.43
C GLY A 92 -3.28 7.98 -6.37
N VAL A 93 -3.88 8.41 -5.26
CA VAL A 93 -4.34 7.45 -4.25
C VAL A 93 -5.85 7.22 -4.43
N ILE A 94 -6.22 6.03 -4.88
CA ILE A 94 -7.62 5.73 -5.15
C ILE A 94 -8.45 5.91 -3.86
N GLY A 95 -9.50 6.71 -3.95
CA GLY A 95 -10.28 7.08 -2.78
C GLY A 95 -9.96 8.47 -2.24
N GLN A 96 -8.74 8.96 -2.51
CA GLN A 96 -8.31 10.29 -2.05
C GLN A 96 -7.87 11.17 -3.21
N ASP A 97 -8.18 10.75 -4.44
CA ASP A 97 -7.68 11.48 -5.60
C ASP A 97 -8.30 12.88 -5.67
N GLY A 98 -7.45 13.91 -5.71
CA GLY A 98 -7.91 15.27 -5.81
C GLY A 98 -8.22 15.96 -4.49
N ARG A 99 -8.03 15.26 -3.38
N ARG A 99 -8.06 15.25 -3.37
CA ARG A 99 -8.32 15.85 -2.07
CA ARG A 99 -8.35 15.83 -2.07
C ARG A 99 -7.12 16.63 -1.56
C ARG A 99 -7.14 16.60 -1.55
N SER A 100 -7.37 17.48 -0.56
CA SER A 100 -6.31 18.26 0.04
C SER A 100 -5.46 17.39 0.96
N PRO A 101 -4.12 17.47 0.83
CA PRO A 101 -3.23 16.70 1.69
C PRO A 101 -3.51 16.95 3.17
N ASP A 102 -3.81 18.20 3.55
CA ASP A 102 -4.15 18.48 4.95
C ASP A 102 -5.40 17.72 5.41
N ALA A 103 -6.40 17.61 4.54
CA ALA A 103 -7.63 16.90 4.90
C ALA A 103 -7.40 15.39 4.98
N ILE A 104 -6.60 14.86 4.06
CA ILE A 104 -6.25 13.43 4.10
C ILE A 104 -5.54 13.10 5.41
N ALA A 105 -4.57 13.93 5.76
CA ALA A 105 -3.82 13.73 7.01
C ALA A 105 -4.71 13.83 8.24
N ALA A 106 -5.61 14.82 8.25
CA ALA A 106 -6.49 15.03 9.40
C ALA A 106 -7.49 13.90 9.57
N ASP A 107 -8.03 13.39 8.47
CA ASP A 107 -8.98 12.28 8.57
C ASP A 107 -8.30 11.04 9.12
N GLY A 108 -7.07 10.81 8.67
CA GLY A 108 -6.34 9.62 9.09
C GLY A 108 -6.04 9.70 10.57
N LYS A 109 -5.61 10.88 11.01
CA LYS A 109 -5.31 11.11 12.43
C LYS A 109 -6.57 10.87 13.28
N ALA A 110 -7.71 11.37 12.83
CA ALA A 110 -8.93 11.22 13.60
C ALA A 110 -9.36 9.76 13.68
N GLN A 111 -9.16 9.03 12.58
CA GLN A 111 -9.51 7.62 12.53
C GLN A 111 -8.64 6.80 13.46
N LEU A 112 -7.35 7.12 13.50
CA LEU A 112 -6.44 6.43 14.42
C LEU A 112 -6.78 6.77 15.87
N LEU A 113 -7.01 8.04 16.16
CA LEU A 113 -7.25 8.43 17.56
C LEU A 113 -8.63 8.00 18.09
N ALA A 114 -9.48 7.52 17.18
CA ALA A 114 -10.72 6.88 17.61
C ALA A 114 -10.47 5.64 18.47
N TYR A 115 -9.28 5.03 18.34
CA TYR A 115 -8.91 3.89 19.17
C TYR A 115 -8.32 4.38 20.48
N PRO A 116 -8.91 3.97 21.61
CA PRO A 116 -8.43 4.49 22.90
C PRO A 116 -7.01 4.04 23.22
N ASN A 117 -6.52 2.98 22.58
CA ASN A 117 -5.16 2.49 22.81
C ASN A 117 -4.11 3.19 21.91
N ALA A 118 -4.56 4.14 21.09
CA ALA A 118 -3.64 4.95 20.28
C ALA A 118 -3.54 6.36 20.86
N GLN A 119 -2.34 6.93 20.90
CA GLN A 119 -2.19 8.29 21.38
C GLN A 119 -1.29 9.05 20.43
N TRP A 120 -1.32 10.39 20.52
CA TRP A 120 -0.56 11.26 19.62
C TRP A 120 0.20 12.27 20.45
N ARG A 121 1.42 12.62 20.02
CA ARG A 121 2.13 13.77 20.57
C ARG A 121 2.65 14.63 19.44
N GLU A 122 2.41 15.94 19.52
CA GLU A 122 3.02 16.86 18.56
C GLU A 122 4.35 17.29 19.13
N ASP A 123 5.42 16.70 18.59
CA ASP A 123 6.75 16.88 19.15
C ASP A 123 7.73 16.35 18.12
N SER A 124 9.02 16.53 18.37
CA SER A 124 10.05 16.01 17.49
C SER A 124 11.02 15.16 18.30
N VAL A 125 11.22 13.91 17.87
CA VAL A 125 12.18 13.04 18.53
C VAL A 125 13.59 13.49 18.13
N VAL A 126 14.43 13.84 19.10
CA VAL A 126 15.79 14.30 18.77
C VAL A 126 16.83 13.23 19.03
N ARG A 127 16.47 12.24 19.84
N ARG A 127 16.48 12.25 19.85
CA ARG A 127 17.40 11.18 20.20
CA ARG A 127 17.41 11.17 20.17
C ARG A 127 16.68 9.87 20.52
C ARG A 127 16.68 9.87 20.51
N ALA A 128 17.14 8.78 19.91
CA ALA A 128 16.56 7.46 20.17
C ALA A 128 17.65 6.59 20.75
N GLU A 129 17.35 5.90 21.84
CA GLU A 129 18.34 5.10 22.56
C GLU A 129 17.80 3.69 22.77
N ARG A 130 18.66 2.71 22.61
CA ARG A 130 18.29 1.34 22.95
C ARG A 130 18.46 1.21 24.45
N SER A 131 17.52 0.56 25.11
CA SER A 131 17.63 0.34 26.55
C SER A 131 17.51 -1.16 26.84
N ASP A 132 17.67 -1.53 28.10
CA ASP A 132 17.39 -2.90 28.51
C ASP A 132 15.93 -3.18 28.17
N ALA A 133 15.03 -2.32 28.66
CA ALA A 133 13.62 -2.37 28.29
C ALA A 133 13.36 -1.60 27.00
N GLY A 134 13.79 -2.17 25.87
CA GLY A 134 13.43 -1.64 24.56
C GLY A 134 14.12 -0.35 24.16
N TYR A 135 13.34 0.70 23.95
CA TYR A 135 13.83 1.96 23.40
C TYR A 135 13.31 3.15 24.19
N THR A 136 14.15 4.16 24.34
CA THR A 136 13.74 5.42 24.95
C THR A 136 13.89 6.52 23.93
N LEU A 137 12.86 7.35 23.76
CA LEU A 137 12.92 8.48 22.83
C LEU A 137 12.92 9.79 23.61
N ILE A 138 13.88 10.65 23.28
CA ILE A 138 13.95 11.97 23.87
C ILE A 138 13.52 12.98 22.83
N CYS A 139 12.60 13.86 23.20
CA CYS A 139 12.00 14.81 22.27
C CYS A 139 12.47 16.24 22.51
N ALA A 140 12.32 17.09 21.50
CA ALA A 140 12.73 18.49 21.59
C ALA A 140 12.08 19.23 22.77
N SER A 141 10.89 18.79 23.15
CA SER A 141 10.18 19.39 24.29
C SER A 141 10.83 19.04 25.62
N GLY A 142 11.69 18.03 25.61
CA GLY A 142 12.30 17.50 26.83
C GLY A 142 11.54 16.29 27.36
N GLN A 143 10.39 15.99 26.78
CA GLN A 143 9.61 14.82 27.19
C GLN A 143 10.31 13.55 26.72
N HIS A 144 10.24 12.48 27.53
CA HIS A 144 10.81 11.19 27.16
C HIS A 144 9.68 10.17 27.00
N TYR A 145 9.86 9.22 26.08
CA TYR A 145 8.86 8.16 25.90
C TYR A 145 9.52 6.81 25.77
N ARG A 146 8.83 5.77 26.22
CA ARG A 146 9.40 4.43 26.31
C ARG A 146 8.61 3.45 25.45
N ALA A 147 9.31 2.63 24.66
CA ALA A 147 8.62 1.65 23.82
C ALA A 147 9.34 0.31 23.75
N CYS A 148 8.58 -0.75 23.47
N CYS A 148 8.58 -0.74 23.47
CA CYS A 148 9.18 -2.05 23.22
CA CYS A 148 9.18 -2.04 23.23
C CYS A 148 9.79 -2.08 21.82
C CYS A 148 9.77 -2.10 21.82
N GLN A 149 9.05 -1.53 20.85
CA GLN A 149 9.52 -1.49 19.47
C GLN A 149 9.28 -0.14 18.81
N LEU A 150 9.96 0.11 17.70
CA LEU A 150 9.84 1.38 17.00
C LEU A 150 9.45 1.18 15.53
N VAL A 151 8.63 2.08 15.00
CA VAL A 151 8.45 2.18 13.56
C VAL A 151 8.93 3.56 13.14
N LEU A 152 9.92 3.61 12.24
CA LEU A 152 10.38 4.89 11.71
C LEU A 152 9.57 5.26 10.47
N ALA A 153 8.99 6.47 10.48
CA ALA A 153 8.12 6.90 9.39
C ALA A 153 8.28 8.40 9.20
N PHE A 154 9.51 8.87 9.30
CA PHE A 154 9.74 10.30 9.45
C PHE A 154 10.02 11.05 8.14
N GLY A 155 9.95 10.34 7.02
CA GLY A 155 9.94 10.98 5.71
C GLY A 155 11.26 11.54 5.27
N VAL A 156 11.30 12.08 4.05
CA VAL A 156 12.50 12.72 3.52
C VAL A 156 12.28 14.21 3.31
N VAL A 157 13.38 14.94 3.15
CA VAL A 157 13.32 16.37 2.91
C VAL A 157 13.93 16.65 1.54
N ASP A 158 13.17 17.36 0.70
CA ASP A 158 13.64 17.69 -0.63
C ASP A 158 14.73 18.74 -0.59
N GLU A 159 15.87 18.42 -1.21
CA GLU A 159 16.99 19.33 -1.31
C GLU A 159 17.01 19.94 -2.70
N LEU A 160 16.48 21.15 -2.81
CA LEU A 160 16.22 21.71 -4.13
C LEU A 160 17.46 22.34 -4.69
N PRO A 161 17.61 22.31 -6.02
CA PRO A 161 18.75 22.99 -6.64
C PRO A 161 18.80 24.46 -6.24
N GLU A 162 20.01 25.00 -6.20
CA GLU A 162 20.24 26.38 -5.83
C GLU A 162 19.92 27.25 -7.04
N LEU A 163 18.64 27.55 -7.21
CA LEU A 163 18.17 28.32 -8.36
C LEU A 163 17.17 29.34 -7.86
N GLU A 164 17.50 30.61 -8.05
CA GLU A 164 16.67 31.71 -7.60
C GLU A 164 15.23 31.57 -8.11
N GLY A 165 14.26 31.62 -7.20
CA GLY A 165 12.86 31.53 -7.57
C GLY A 165 12.26 30.14 -7.43
N LEU A 166 13.10 29.12 -7.39
CA LEU A 166 12.63 27.73 -7.39
C LEU A 166 11.89 27.36 -6.08
N GLU A 167 12.55 27.55 -4.95
CA GLU A 167 11.98 27.12 -3.67
C GLU A 167 10.64 27.78 -3.40
N GLU A 168 10.52 29.05 -3.77
CA GLU A 168 9.29 29.78 -3.53
C GLU A 168 8.10 29.21 -4.33
N ARG A 169 8.39 28.48 -5.40
CA ARG A 169 7.34 27.93 -6.25
C ARG A 169 7.17 26.41 -6.09
N TRP A 170 7.88 25.85 -5.11
CA TRP A 170 7.82 24.41 -4.83
C TRP A 170 6.41 24.00 -4.45
N GLY A 171 5.88 23.00 -5.16
CA GLY A 171 4.53 22.52 -4.91
C GLY A 171 3.44 23.37 -5.54
N GLU A 172 3.82 24.47 -6.18
CA GLU A 172 2.83 25.35 -6.84
C GLU A 172 2.97 25.26 -8.37
N SER A 173 4.17 25.55 -8.88
CA SER A 173 4.44 25.36 -10.30
C SER A 173 5.68 24.49 -10.54
N VAL A 174 6.37 24.14 -9.47
CA VAL A 174 7.59 23.32 -9.58
C VAL A 174 7.39 22.00 -8.82
N PHE A 175 7.62 20.87 -9.48
CA PHE A 175 7.31 19.56 -8.88
C PHE A 175 8.41 18.54 -9.06
N HIS A 176 8.21 17.37 -8.47
CA HIS A 176 9.21 16.30 -8.51
C HIS A 176 8.70 15.10 -9.32
N CYS A 177 7.44 14.74 -9.12
CA CYS A 177 6.89 13.51 -9.72
C CYS A 177 5.73 13.78 -10.69
N PRO A 178 5.89 13.36 -11.96
CA PRO A 178 4.90 13.68 -12.99
C PRO A 178 3.61 12.87 -12.88
N TYR A 179 3.64 11.71 -12.24
CA TYR A 179 2.38 11.00 -12.00
C TYR A 179 1.55 11.74 -10.99
N CYS A 180 2.22 12.46 -10.09
CA CYS A 180 1.53 13.22 -9.06
C CYS A 180 0.90 14.49 -9.60
N HIS A 181 1.56 15.15 -10.56
CA HIS A 181 1.13 16.48 -10.98
C HIS A 181 1.15 16.77 -12.49
N GLY A 182 1.47 15.78 -13.31
CA GLY A 182 1.52 15.97 -14.75
C GLY A 182 0.17 16.16 -15.42
N TYR A 183 -0.84 15.44 -14.92
CA TYR A 183 -2.16 15.48 -15.56
C TYR A 183 -2.75 16.89 -15.54
N GLU A 184 -2.59 17.58 -14.41
CA GLU A 184 -3.22 18.88 -14.23
C GLU A 184 -2.54 19.97 -15.07
N LEU A 185 -1.44 19.63 -15.71
CA LEU A 185 -0.80 20.58 -16.63
C LEU A 185 -1.53 20.63 -17.97
N ASP A 186 -2.49 19.74 -18.17
CA ASP A 186 -3.42 19.83 -19.30
C ASP A 186 -2.77 19.99 -20.68
N GLY A 187 -1.69 19.24 -20.92
CA GLY A 187 -1.02 19.26 -22.21
C GLY A 187 -0.29 20.55 -22.50
N GLY A 188 -0.01 21.32 -21.44
CA GLY A 188 0.71 22.58 -21.61
C GLY A 188 2.20 22.42 -21.83
N ARG A 189 2.94 23.51 -21.61
CA ARG A 189 4.37 23.51 -21.84
C ARG A 189 5.06 23.11 -20.54
N ILE A 190 5.96 22.14 -20.63
CA ILE A 190 6.59 21.60 -19.43
C ILE A 190 8.10 21.70 -19.50
N GLY A 191 8.71 22.21 -18.43
CA GLY A 191 10.15 22.32 -18.41
C GLY A 191 10.74 21.28 -17.48
N VAL A 192 11.74 20.57 -17.98
CA VAL A 192 12.48 19.61 -17.16
C VAL A 192 13.81 20.27 -16.79
N LEU A 193 13.94 20.64 -15.53
CA LEU A 193 15.16 21.30 -15.07
C LEU A 193 16.26 20.25 -14.94
N GLY A 194 17.25 20.31 -15.81
CA GLY A 194 18.31 19.30 -15.84
C GLY A 194 19.14 19.29 -14.57
N SER A 195 19.49 18.09 -14.12
CA SER A 195 20.26 17.95 -12.89
C SER A 195 21.21 16.76 -12.98
N GLY A 196 21.56 16.39 -14.21
CA GLY A 196 22.42 15.24 -14.43
C GLY A 196 21.75 14.21 -15.31
N PRO A 197 22.39 13.03 -15.44
CA PRO A 197 21.93 11.92 -16.29
C PRO A 197 20.47 11.50 -16.03
N LEU A 198 20.05 11.48 -14.77
CA LEU A 198 18.69 11.03 -14.44
C LEU A 198 17.59 11.91 -15.06
N SER A 199 17.91 13.17 -15.30
CA SER A 199 16.94 14.10 -15.89
C SER A 199 16.63 13.72 -17.34
N TYR A 200 17.54 12.98 -17.98
CA TYR A 200 17.30 12.52 -19.34
C TYR A 200 16.06 11.64 -19.46
N LEU A 201 15.92 10.69 -18.55
CA LEU A 201 14.78 9.79 -18.60
C LEU A 201 13.50 10.56 -18.30
N SER A 202 13.62 11.56 -17.44
CA SER A 202 12.46 12.38 -17.10
C SER A 202 12.01 13.15 -18.33
N ALA A 203 12.97 13.68 -19.07
CA ALA A 203 12.68 14.42 -20.28
C ALA A 203 12.02 13.54 -21.34
N MET A 204 12.48 12.30 -21.45
CA MET A 204 11.93 11.33 -22.40
C MET A 204 10.49 10.94 -22.03
N LEU A 205 10.18 10.99 -20.74
CA LEU A 205 8.87 10.55 -20.27
C LEU A 205 7.84 11.68 -20.38
N MET A 206 8.31 12.90 -20.18
CA MET A 206 7.40 14.04 -20.02
C MET A 206 6.42 14.35 -21.18
N PRO A 207 6.77 13.99 -22.43
CA PRO A 207 5.78 14.26 -23.50
C PRO A 207 4.45 13.52 -23.34
N GLU A 208 4.36 12.57 -22.42
CA GLU A 208 3.08 11.97 -22.07
C GLU A 208 2.11 13.04 -21.57
N TRP A 209 2.67 14.10 -20.98
CA TRP A 209 1.84 15.10 -20.32
C TRP A 209 1.81 16.47 -21.00
N GLY A 210 2.77 16.75 -21.86
CA GLY A 210 2.73 18.03 -22.54
C GLY A 210 3.95 18.32 -23.36
N GLN A 211 4.01 19.52 -23.92
CA GLN A 211 5.12 19.90 -24.78
C GLN A 211 6.35 20.18 -23.92
N THR A 212 7.38 19.38 -24.12
CA THR A 212 8.48 19.30 -23.18
C THR A 212 9.74 20.00 -23.66
N VAL A 213 10.32 20.81 -22.78
CA VAL A 213 11.62 21.42 -23.04
C VAL A 213 12.59 20.91 -21.98
N PHE A 214 13.70 20.32 -22.43
CA PHE A 214 14.76 19.83 -21.56
C PHE A 214 15.79 20.96 -21.36
N LEU A 215 15.73 21.60 -20.20
CA LEU A 215 16.65 22.68 -19.85
C LEU A 215 17.88 22.06 -19.17
N THR A 216 18.92 21.79 -19.96
CA THR A 216 20.07 21.04 -19.44
C THR A 216 20.94 21.79 -18.42
N ASP A 217 20.89 23.12 -18.44
CA ASP A 217 21.56 23.96 -17.44
C ASP A 217 23.01 23.52 -17.16
N ALA A 218 23.68 23.06 -18.21
CA ALA A 218 25.04 22.48 -18.15
C ALA A 218 25.24 21.30 -17.19
N SER A 219 24.14 20.63 -16.84
CA SER A 219 24.20 19.53 -15.88
C SER A 219 24.40 18.21 -16.60
N PHE A 220 24.14 18.23 -17.91
CA PHE A 220 24.12 17.01 -18.71
C PHE A 220 24.24 17.42 -20.15
N GLU A 221 25.05 16.69 -20.91
CA GLU A 221 25.09 16.90 -22.34
C GLU A 221 24.76 15.60 -23.06
N PRO A 222 23.61 15.58 -23.73
CA PRO A 222 23.13 14.42 -24.49
C PRO A 222 24.18 13.98 -25.49
N ASP A 223 24.45 12.69 -25.57
CA ASP A 223 25.29 12.19 -26.64
C ASP A 223 24.46 12.08 -27.91
N GLU A 224 25.06 11.49 -28.94
CA GLU A 224 24.42 11.30 -30.24
C GLU A 224 23.08 10.54 -30.17
N GLU A 225 23.11 9.37 -29.54
CA GLU A 225 21.92 8.52 -29.37
C GLU A 225 20.82 9.29 -28.64
N GLN A 226 21.21 9.95 -27.56
CA GLN A 226 20.27 10.65 -26.69
C GLN A 226 19.67 11.88 -27.37
N ARG A 227 20.52 12.64 -28.05
CA ARG A 227 20.11 13.84 -28.75
C ARG A 227 19.07 13.49 -29.82
N GLU A 228 19.25 12.32 -30.42
CA GLU A 228 18.38 11.86 -31.49
C GLU A 228 17.07 11.28 -30.95
N ALA A 229 17.16 10.60 -29.81
CA ALA A 229 15.97 10.06 -29.16
C ALA A 229 15.05 11.19 -28.69
N LEU A 230 15.65 12.26 -28.17
CA LEU A 230 14.88 13.41 -27.69
C LEU A 230 14.15 14.09 -28.84
N ALA A 231 14.86 14.31 -29.95
CA ALA A 231 14.27 14.94 -31.12
C ALA A 231 13.10 14.10 -31.62
N ARG A 232 13.31 12.79 -31.67
CA ARG A 232 12.26 11.88 -32.09
C ARG A 232 11.08 11.89 -31.12
N ARG A 233 11.35 12.07 -29.83
CA ARG A 233 10.28 12.18 -28.84
C ARG A 233 9.59 13.53 -28.91
N GLY A 234 10.17 14.47 -29.64
CA GLY A 234 9.63 15.81 -29.72
C GLY A 234 10.03 16.73 -28.57
N VAL A 235 11.12 16.39 -27.89
CA VAL A 235 11.61 17.23 -26.79
C VAL A 235 12.63 18.25 -27.28
N GLU A 236 12.37 19.54 -27.04
CA GLU A 236 13.32 20.61 -27.36
C GLU A 236 14.42 20.70 -26.29
N ILE A 237 15.66 20.87 -26.72
CA ILE A 237 16.76 21.06 -25.76
C ILE A 237 17.20 22.51 -25.71
N VAL A 238 17.22 23.09 -24.51
CA VAL A 238 17.72 24.45 -24.30
C VAL A 238 18.93 24.36 -23.38
N ARG A 239 20.09 24.80 -23.85
CA ARG A 239 21.34 24.56 -23.14
C ARG A 239 21.84 25.69 -22.26
N ASP A 240 21.39 26.93 -22.53
CA ASP A 240 21.85 28.09 -21.79
C ASP A 240 21.53 27.97 -20.31
N ARG A 241 22.38 28.56 -19.47
CA ARG A 241 22.20 28.52 -18.03
C ARG A 241 20.94 29.25 -17.62
N ILE A 242 20.26 28.73 -16.61
CA ILE A 242 19.08 29.39 -16.07
C ILE A 242 19.52 30.42 -15.02
N ALA A 243 18.99 31.63 -15.13
CA ALA A 243 19.33 32.67 -14.16
C ALA A 243 18.38 32.66 -12.97
N ARG A 244 17.09 32.53 -13.25
CA ARG A 244 16.06 32.58 -12.21
C ARG A 244 14.70 32.15 -12.75
N ILE A 245 13.80 31.83 -11.82
CA ILE A 245 12.41 31.56 -12.16
C ILE A 245 11.61 32.75 -11.66
N VAL A 246 10.76 33.31 -12.52
CA VAL A 246 10.00 34.51 -12.14
C VAL A 246 8.52 34.35 -12.49
N ASP A 247 7.71 35.28 -12.00
CA ASP A 247 6.27 35.25 -12.19
C ASP A 247 5.78 33.89 -11.69
N ARG A 248 4.80 33.28 -12.36
CA ARG A 248 4.32 31.99 -11.88
C ARG A 248 5.29 30.85 -12.20
N ALA A 249 5.75 30.79 -13.45
CA ALA A 249 6.59 29.69 -13.93
C ALA A 249 7.34 30.06 -15.20
N THR A 250 7.97 31.24 -15.20
CA THR A 250 8.77 31.66 -16.32
C THR A 250 10.26 31.46 -16.04
N VAL A 251 10.93 30.76 -16.94
CA VAL A 251 12.35 30.55 -16.81
C VAL A 251 13.08 31.72 -17.48
N GLU A 252 13.94 32.39 -16.72
CA GLU A 252 14.80 33.44 -17.28
C GLU A 252 16.20 32.88 -17.49
N LEU A 253 16.68 32.89 -18.73
CA LEU A 253 17.97 32.31 -19.05
C LEU A 253 19.06 33.37 -18.90
N ALA A 254 20.30 32.92 -18.76
CA ALA A 254 21.44 33.82 -18.61
C ALA A 254 21.51 34.87 -19.72
N ASP A 255 21.12 34.49 -20.93
CA ASP A 255 21.23 35.41 -22.08
C ASP A 255 20.05 36.38 -22.18
N GLY A 256 19.17 36.35 -21.19
CA GLY A 256 18.04 37.27 -21.15
C GLY A 256 16.72 36.70 -21.63
N ARG A 257 16.77 35.62 -22.41
CA ARG A 257 15.55 34.97 -22.91
C ARG A 257 14.62 34.58 -21.77
N ARG A 258 13.32 34.66 -22.01
CA ARG A 258 12.32 34.19 -21.07
C ARG A 258 11.45 33.14 -21.75
N ILE A 259 11.15 32.07 -21.03
CA ILE A 259 10.25 31.04 -21.54
C ILE A 259 9.19 30.74 -20.49
N ALA A 260 7.93 30.96 -20.83
CA ALA A 260 6.85 30.69 -19.88
C ALA A 260 6.47 29.22 -19.94
N PHE A 261 6.28 28.62 -18.76
CA PHE A 261 5.91 27.21 -18.71
C PHE A 261 4.61 27.06 -17.95
N ASP A 262 3.92 25.95 -18.16
CA ASP A 262 2.76 25.68 -17.34
C ASP A 262 3.17 24.94 -16.07
N GLY A 263 4.28 24.22 -16.13
CA GLY A 263 4.85 23.57 -14.96
C GLY A 263 6.29 23.19 -15.17
N LEU A 264 7.02 23.04 -14.07
CA LEU A 264 8.44 22.67 -14.11
C LEU A 264 8.72 21.43 -13.26
N PHE A 265 9.59 20.56 -13.72
CA PHE A 265 9.97 19.36 -12.97
C PHE A 265 11.47 19.27 -12.69
N THR A 266 11.79 18.83 -11.49
CA THR A 266 13.19 18.58 -11.12
C THR A 266 13.35 17.22 -10.46
N MET A 267 14.37 16.47 -10.88
CA MET A 267 14.72 15.20 -10.24
C MET A 267 15.65 15.49 -9.08
N ASN A 268 15.16 16.21 -8.06
CA ASN A 268 16.03 16.70 -6.99
C ASN A 268 16.50 15.62 -6.02
N ARG A 269 17.56 15.92 -5.26
CA ARG A 269 18.04 15.02 -4.22
C ARG A 269 17.09 15.09 -3.02
N MET A 270 17.12 14.05 -2.19
CA MET A 270 16.34 14.03 -0.96
C MET A 270 17.22 13.48 0.16
N ARG A 271 17.00 13.94 1.39
CA ARG A 271 17.73 13.39 2.53
C ARG A 271 16.76 12.88 3.59
N LEU A 272 17.22 11.92 4.40
CA LEU A 272 16.42 11.47 5.55
C LEU A 272 16.14 12.65 6.46
N SER A 273 14.91 12.74 6.95
N SER A 273 14.93 12.78 6.98
CA SER A 273 14.48 13.88 7.77
CA SER A 273 14.60 13.98 7.73
C SER A 273 15.16 13.95 9.13
C SER A 273 15.16 13.96 9.16
N SER A 274 15.68 12.81 9.59
CA SER A 274 16.11 12.65 10.98
C SER A 274 17.32 11.74 11.07
N PRO A 275 18.22 12.02 12.04
CA PRO A 275 19.36 11.14 12.31
C PRO A 275 18.99 9.95 13.20
N VAL A 276 17.71 9.81 13.53
CA VAL A 276 17.26 8.74 14.42
C VAL A 276 17.58 7.34 13.91
N ALA A 277 17.46 7.12 12.60
CA ALA A 277 17.76 5.80 12.05
C ALA A 277 19.23 5.47 12.31
N GLU A 278 20.11 6.42 12.06
CA GLU A 278 21.53 6.20 12.30
C GLU A 278 21.83 6.03 13.80
N GLN A 279 21.17 6.81 14.64
CA GLN A 279 21.34 6.65 16.08
C GLN A 279 21.01 5.25 16.59
N LEU A 280 20.04 4.62 15.95
CA LEU A 280 19.59 3.27 16.33
C LEU A 280 20.42 2.18 15.67
N GLY A 281 21.39 2.61 14.87
CA GLY A 281 22.27 1.67 14.18
C GLY A 281 21.70 1.06 12.92
N CYS A 282 20.61 1.62 12.41
CA CYS A 282 19.96 1.07 11.22
C CYS A 282 20.83 1.27 9.98
N ALA A 283 21.00 0.23 9.19
CA ALA A 283 21.81 0.34 7.98
C ALA A 283 21.15 1.30 7.00
N ILE A 284 21.97 2.17 6.41
CA ILE A 284 21.50 3.18 5.47
C ILE A 284 22.28 3.01 4.18
N GLU A 285 21.58 3.07 3.05
CA GLU A 285 22.22 2.84 1.75
C GLU A 285 21.93 4.00 0.80
N GLU A 286 22.81 4.17 -0.19
CA GLU A 286 22.63 5.23 -1.18
C GLU A 286 21.73 4.81 -2.33
N GLY A 287 20.67 5.59 -2.56
CA GLY A 287 19.84 5.39 -3.73
C GLY A 287 20.27 6.41 -4.77
N PRO A 288 19.63 6.41 -5.94
CA PRO A 288 20.00 7.31 -7.03
C PRO A 288 19.87 8.78 -6.64
N LEU A 289 18.92 9.10 -5.77
CA LEU A 289 18.64 10.50 -5.43
C LEU A 289 18.87 10.82 -3.94
N GLY A 290 19.39 9.85 -3.20
CA GLY A 290 19.70 10.07 -1.80
C GLY A 290 19.60 8.78 -1.00
N PRO A 291 19.87 8.87 0.30
CA PRO A 291 19.98 7.69 1.16
C PRO A 291 18.61 7.13 1.52
N TYR A 292 18.55 5.82 1.79
CA TYR A 292 17.33 5.21 2.33
C TYR A 292 17.69 4.30 3.47
N VAL A 293 16.73 4.01 4.34
CA VAL A 293 16.92 3.06 5.42
C VAL A 293 16.64 1.66 4.90
N ARG A 294 17.62 0.78 5.04
CA ARG A 294 17.48 -0.57 4.52
C ARG A 294 16.37 -1.31 5.28
N THR A 295 15.54 -2.06 4.57
CA THR A 295 14.51 -2.90 5.22
C THR A 295 14.42 -4.26 4.54
N ASP A 296 13.95 -5.26 5.28
CA ASP A 296 13.72 -6.57 4.69
C ASP A 296 12.25 -6.71 4.24
N ASP A 297 11.83 -7.93 3.89
CA ASP A 297 10.46 -8.15 3.43
C ASP A 297 9.42 -7.76 4.47
N ALA A 298 9.80 -7.83 5.75
CA ALA A 298 8.88 -7.48 6.83
C ALA A 298 9.02 -6.02 7.25
N MET A 299 9.66 -5.19 6.41
CA MET A 299 9.91 -3.78 6.71
C MET A 299 10.79 -3.56 7.94
N GLU A 300 11.50 -4.59 8.38
CA GLU A 300 12.39 -4.47 9.54
C GLU A 300 13.78 -4.00 9.10
N THR A 301 14.34 -3.05 9.85
CA THR A 301 15.70 -2.54 9.60
C THR A 301 16.72 -3.55 10.11
N SER A 302 18.01 -3.20 9.99
CA SER A 302 19.09 -4.05 10.49
C SER A 302 19.11 -4.12 12.01
N THR A 303 18.38 -3.23 12.66
CA THR A 303 18.27 -3.25 14.11
C THR A 303 16.98 -3.95 14.51
N PRO A 304 17.09 -5.14 15.12
CA PRO A 304 15.87 -5.88 15.48
C PRO A 304 14.92 -5.04 16.33
N GLY A 305 13.64 -5.08 15.97
CA GLY A 305 12.62 -4.36 16.72
C GLY A 305 12.38 -2.96 16.22
N VAL A 306 13.16 -2.53 15.24
CA VAL A 306 12.98 -1.23 14.58
C VAL A 306 12.58 -1.46 13.12
N PHE A 307 11.42 -0.94 12.75
CA PHE A 307 10.86 -1.09 11.40
C PHE A 307 10.84 0.28 10.73
N ALA A 308 10.72 0.31 9.41
CA ALA A 308 10.70 1.60 8.70
C ALA A 308 9.66 1.52 7.58
N CYS A 309 9.10 2.66 7.20
CA CYS A 309 8.11 2.68 6.13
C CYS A 309 7.99 4.06 5.52
N GLY A 310 7.35 4.15 4.36
CA GLY A 310 7.18 5.43 3.68
C GLY A 310 8.38 5.86 2.88
N ASP A 311 8.51 7.16 2.64
CA ASP A 311 9.57 7.67 1.77
C ASP A 311 11.00 7.31 2.17
N ILE A 312 11.24 7.00 3.44
CA ILE A 312 12.62 6.69 3.89
C ILE A 312 13.08 5.28 3.53
N THR A 313 12.19 4.50 2.92
CA THR A 313 12.54 3.15 2.50
C THR A 313 12.83 3.13 1.01
N HIS A 314 13.40 2.02 0.55
CA HIS A 314 13.91 1.93 -0.82
C HIS A 314 12.82 2.13 -1.88
N ARG A 315 11.64 1.57 -1.65
CA ARG A 315 10.58 1.59 -2.64
C ARG A 315 9.38 2.48 -2.26
N GLY A 316 9.63 3.56 -1.53
CA GLY A 316 8.58 4.53 -1.24
C GLY A 316 8.54 5.59 -2.33
N GLY A 317 8.00 6.76 -2.01
CA GLY A 317 8.01 7.87 -2.96
C GLY A 317 6.63 8.44 -3.26
N THR A 318 5.58 7.72 -2.88
CA THR A 318 4.21 8.20 -3.09
C THR A 318 3.35 7.85 -1.88
N VAL A 319 2.17 8.44 -1.80
CA VAL A 319 1.29 8.17 -0.69
C VAL A 319 0.74 6.74 -0.72
N ALA A 320 0.40 6.26 -1.92
CA ALA A 320 -0.11 4.89 -2.05
C ALA A 320 0.89 3.87 -1.50
N LEU A 321 2.16 4.08 -1.81
CA LEU A 321 3.20 3.16 -1.37
C LEU A 321 3.43 3.30 0.13
N ALA A 322 3.32 4.53 0.64
CA ALA A 322 3.47 4.77 2.08
C ALA A 322 2.38 4.06 2.86
N ILE A 323 1.16 4.12 2.35
CA ILE A 323 0.04 3.44 3.02
C ILE A 323 0.25 1.93 2.99
N GLY A 324 0.66 1.41 1.83
CA GLY A 324 0.89 -0.01 1.71
C GLY A 324 2.02 -0.53 2.58
N ASN A 325 3.20 0.09 2.50
CA ASN A 325 4.30 -0.48 3.27
C ASN A 325 4.24 -0.09 4.75
N GLY A 326 3.51 0.98 5.06
CA GLY A 326 3.22 1.31 6.44
C GLY A 326 2.34 0.22 7.05
N ALA A 327 1.36 -0.26 6.31
CA ALA A 327 0.52 -1.34 6.82
C ALA A 327 1.36 -2.59 7.05
N LEU A 328 2.24 -2.91 6.10
CA LEU A 328 3.15 -4.05 6.28
C LEU A 328 3.99 -3.91 7.54
N ALA A 329 4.56 -2.74 7.75
CA ALA A 329 5.44 -2.50 8.91
C ALA A 329 4.67 -2.64 10.21
N GLY A 330 3.46 -2.11 10.25
CA GLY A 330 2.65 -2.19 11.46
C GLY A 330 2.29 -3.62 11.82
N ILE A 331 1.88 -4.41 10.84
CA ILE A 331 1.56 -5.81 11.08
C ILE A 331 2.81 -6.58 11.50
N ALA A 332 3.92 -6.32 10.83
CA ALA A 332 5.19 -6.95 11.17
C ALA A 332 5.65 -6.61 12.59
N ALA A 333 5.47 -5.36 12.98
CA ALA A 333 5.84 -4.93 14.32
C ALA A 333 4.97 -5.66 15.34
N HIS A 334 3.68 -5.80 15.04
CA HIS A 334 2.82 -6.54 15.97
C HIS A 334 3.26 -7.99 16.09
N ARG A 335 3.52 -8.59 14.93
N ARG A 335 3.54 -8.62 14.95
CA ARG A 335 3.95 -9.98 14.81
CA ARG A 335 3.89 -10.04 14.96
C ARG A 335 5.13 -10.24 15.74
C ARG A 335 5.17 -10.27 15.78
N LYS A 336 6.10 -9.33 15.72
CA LYS A 336 7.32 -9.47 16.54
C LYS A 336 7.03 -9.34 18.03
N LEU A 337 6.05 -8.51 18.40
CA LEU A 337 5.68 -8.41 19.80
C LEU A 337 5.17 -9.74 20.31
N VAL A 338 4.52 -10.48 19.42
CA VAL A 338 3.88 -11.75 19.82
C VAL A 338 4.86 -12.91 19.75
N PHE A 339 5.61 -12.99 18.65
CA PHE A 339 6.45 -14.15 18.40
C PHE A 339 7.95 -13.92 18.57
N GLY A 340 8.35 -12.68 18.83
CA GLY A 340 9.76 -12.35 18.93
C GLY A 340 10.41 -12.26 17.56
N MET B 47 -12.68 -2.47 -30.20
CA MET B 47 -12.19 -1.26 -29.54
C MET B 47 -10.82 -1.52 -28.92
N LEU B 48 -9.86 -0.67 -29.28
CA LEU B 48 -8.47 -0.77 -28.83
C LEU B 48 -8.23 0.14 -27.63
N PHE B 49 -7.46 -0.33 -26.65
CA PHE B 49 -7.07 0.48 -25.51
C PHE B 49 -5.58 0.31 -25.27
N ASP B 50 -4.95 1.27 -24.62
CA ASP B 50 -3.56 1.11 -24.21
C ASP B 50 -3.46 -0.02 -23.19
N VAL B 51 -4.35 0.01 -22.19
CA VAL B 51 -4.33 -1.02 -21.14
C VAL B 51 -5.76 -1.40 -20.82
N ILE B 52 -5.99 -2.70 -20.66
CA ILE B 52 -7.24 -3.15 -20.05
C ILE B 52 -6.94 -3.75 -18.69
N VAL B 53 -7.71 -3.34 -17.69
CA VAL B 53 -7.55 -3.87 -16.34
C VAL B 53 -8.73 -4.81 -16.13
N ILE B 54 -8.43 -6.06 -15.78
CA ILE B 54 -9.45 -7.07 -15.56
C ILE B 54 -9.69 -7.20 -14.07
N GLY B 55 -10.83 -6.71 -13.61
CA GLY B 55 -11.09 -6.58 -12.18
C GLY B 55 -11.09 -5.12 -11.80
N GLY B 56 -12.19 -4.63 -11.24
CA GLY B 56 -12.33 -3.23 -10.94
C GLY B 56 -12.65 -2.95 -9.47
N SER B 57 -12.03 -3.73 -8.60
CA SER B 57 -12.13 -3.45 -7.17
C SER B 57 -10.90 -2.64 -6.77
N HIS B 58 -10.40 -2.82 -5.55
CA HIS B 58 -9.37 -1.90 -5.05
C HIS B 58 -8.06 -1.93 -5.82
N ALA B 59 -7.58 -3.11 -6.18
CA ALA B 59 -6.32 -3.21 -6.91
C ALA B 59 -6.46 -2.69 -8.34
N GLY B 60 -7.54 -3.08 -9.00
CA GLY B 60 -7.79 -2.65 -10.37
C GLY B 60 -7.99 -1.15 -10.51
N GLN B 61 -8.77 -0.56 -9.60
CA GLN B 61 -8.97 0.88 -9.60
C GLN B 61 -7.67 1.62 -9.38
N SER B 62 -6.85 1.12 -8.46
CA SER B 62 -5.58 1.78 -8.13
C SER B 62 -4.66 1.78 -9.35
N ALA B 63 -4.56 0.64 -10.01
CA ALA B 63 -3.73 0.54 -11.21
C ALA B 63 -4.29 1.44 -12.32
N ALA B 64 -5.60 1.33 -12.56
CA ALA B 64 -6.24 2.09 -13.64
C ALA B 64 -6.09 3.59 -13.44
N LEU B 65 -6.11 4.03 -12.19
CA LEU B 65 -5.96 5.46 -11.90
C LEU B 65 -4.61 5.98 -12.35
N GLN B 66 -3.53 5.22 -12.17
CA GLN B 66 -2.22 5.72 -12.61
C GLN B 66 -2.20 5.83 -14.13
N ILE B 67 -2.77 4.84 -14.80
CA ILE B 67 -2.76 4.85 -16.27
C ILE B 67 -3.60 6.01 -16.81
N ALA B 68 -4.77 6.23 -16.21
CA ALA B 68 -5.59 7.40 -16.57
C ALA B 68 -4.87 8.72 -16.33
N ARG B 69 -4.15 8.82 -15.23
CA ARG B 69 -3.46 10.07 -14.91
C ARG B 69 -2.29 10.30 -15.85
N ALA B 70 -1.85 9.23 -16.51
CA ALA B 70 -0.77 9.32 -17.51
C ALA B 70 -1.33 9.64 -18.90
N ARG B 71 -2.61 10.01 -18.96
CA ARG B 71 -3.27 10.36 -20.21
C ARG B 71 -3.24 9.24 -21.25
N ARG B 72 -3.40 8.01 -20.79
CA ARG B 72 -3.55 6.87 -21.70
C ARG B 72 -4.98 6.33 -21.62
N ARG B 73 -5.38 5.60 -22.66
CA ARG B 73 -6.73 5.04 -22.74
C ARG B 73 -6.79 3.72 -21.99
N VAL B 74 -7.59 3.68 -20.92
CA VAL B 74 -7.63 2.50 -20.08
C VAL B 74 -9.08 2.07 -19.89
N LEU B 75 -9.31 0.76 -20.03
CA LEU B 75 -10.64 0.19 -19.82
C LEU B 75 -10.59 -0.74 -18.64
N VAL B 76 -11.54 -0.59 -17.72
CA VAL B 76 -11.72 -1.56 -16.65
C VAL B 76 -12.92 -2.43 -16.98
N ILE B 77 -12.72 -3.74 -17.05
CA ILE B 77 -13.82 -4.70 -17.15
C ILE B 77 -13.98 -5.38 -15.81
N ASP B 78 -15.15 -5.26 -15.20
CA ASP B 78 -15.32 -5.74 -13.83
C ASP B 78 -16.62 -6.50 -13.67
N ALA B 79 -16.54 -7.67 -13.05
CA ALA B 79 -17.71 -8.55 -12.87
C ALA B 79 -18.56 -8.20 -11.65
N GLY B 80 -18.03 -7.37 -10.75
CA GLY B 80 -18.82 -6.80 -9.67
C GLY B 80 -19.04 -7.66 -8.44
N ALA B 81 -18.09 -8.57 -8.18
CA ALA B 81 -18.19 -9.43 -6.99
C ALA B 81 -16.89 -9.39 -6.19
N ARG B 82 -16.76 -8.39 -5.33
CA ARG B 82 -15.54 -8.21 -4.56
C ARG B 82 -15.44 -9.24 -3.45
N ARG B 83 -14.21 -9.56 -3.05
CA ARG B 83 -13.99 -10.56 -2.02
C ARG B 83 -14.57 -10.10 -0.68
N ASN B 84 -14.54 -8.79 -0.44
CA ASN B 84 -15.05 -8.23 0.83
C ASN B 84 -16.52 -7.83 0.80
N ARG B 85 -17.31 -8.35 -0.15
CA ARG B 85 -18.70 -7.92 -0.25
C ARG B 85 -19.54 -8.45 0.91
N PHE B 86 -18.95 -9.31 1.72
CA PHE B 86 -19.68 -10.01 2.78
C PHE B 86 -19.70 -9.27 4.12
N ALA B 87 -18.79 -8.33 4.30
CA ALA B 87 -18.69 -7.59 5.55
C ALA B 87 -19.32 -6.21 5.43
N SER B 88 -19.81 -5.67 6.55
CA SER B 88 -20.47 -4.36 6.51
C SER B 88 -19.48 -3.21 6.70
N GLN B 89 -18.32 -3.49 7.29
CA GLN B 89 -17.29 -2.47 7.41
C GLN B 89 -15.93 -2.95 6.97
N SER B 90 -15.11 -2.03 6.50
CA SER B 90 -13.71 -2.33 6.19
C SER B 90 -12.86 -1.73 7.30
N HIS B 91 -11.73 -2.38 7.61
CA HIS B 91 -10.79 -1.83 8.58
C HIS B 91 -9.36 -1.95 8.11
N GLY B 92 -8.49 -1.10 8.62
CA GLY B 92 -7.07 -1.29 8.36
C GLY B 92 -6.52 -0.36 7.30
N VAL B 93 -7.40 0.33 6.57
CA VAL B 93 -6.95 1.23 5.53
C VAL B 93 -7.07 2.66 6.05
N ILE B 94 -5.94 3.30 6.28
CA ILE B 94 -5.98 4.64 6.88
C ILE B 94 -6.71 5.59 5.93
N GLY B 95 -7.72 6.28 6.46
CA GLY B 95 -8.56 7.12 5.64
C GLY B 95 -9.90 6.47 5.33
N GLN B 96 -9.95 5.13 5.37
CA GLN B 96 -11.19 4.39 5.09
C GLN B 96 -11.62 3.49 6.26
N ASP B 97 -11.02 3.70 7.43
CA ASP B 97 -11.27 2.79 8.55
C ASP B 97 -12.70 2.90 9.04
N GLY B 98 -13.42 1.78 9.04
CA GLY B 98 -14.80 1.76 9.51
C GLY B 98 -15.84 2.07 8.45
N ARG B 99 -15.38 2.39 7.23
CA ARG B 99 -16.32 2.65 6.13
C ARG B 99 -16.80 1.35 5.50
N SER B 100 -17.98 1.37 4.89
CA SER B 100 -18.45 0.15 4.22
C SER B 100 -17.62 -0.07 2.96
N PRO B 101 -17.27 -1.34 2.68
CA PRO B 101 -16.49 -1.67 1.48
C PRO B 101 -17.20 -1.20 0.22
N ASP B 102 -18.53 -1.24 0.20
CA ASP B 102 -19.29 -0.75 -0.96
C ASP B 102 -19.02 0.73 -1.23
N ALA B 103 -19.01 1.53 -0.17
CA ALA B 103 -18.77 2.96 -0.33
C ALA B 103 -17.34 3.23 -0.75
N ILE B 104 -16.39 2.48 -0.19
CA ILE B 104 -15.00 2.62 -0.59
C ILE B 104 -14.84 2.34 -2.09
N ALA B 105 -15.39 1.23 -2.54
CA ALA B 105 -15.31 0.86 -3.96
C ALA B 105 -16.00 1.89 -4.85
N ALA B 106 -17.16 2.40 -4.41
CA ALA B 106 -17.90 3.37 -5.21
C ALA B 106 -17.15 4.69 -5.35
N ASP B 107 -16.47 5.10 -4.27
CA ASP B 107 -15.68 6.33 -4.29
C ASP B 107 -14.53 6.19 -5.26
N GLY B 108 -13.92 5.01 -5.28
CA GLY B 108 -12.79 4.77 -6.16
C GLY B 108 -13.24 4.78 -7.61
N LYS B 109 -14.37 4.14 -7.88
CA LYS B 109 -14.88 4.09 -9.24
C LYS B 109 -15.20 5.49 -9.75
N ALA B 110 -15.84 6.29 -8.90
CA ALA B 110 -16.16 7.68 -9.24
C ALA B 110 -14.91 8.51 -9.53
N GLN B 111 -13.89 8.34 -8.70
CA GLN B 111 -12.66 9.11 -8.91
C GLN B 111 -11.93 8.69 -10.18
N LEU B 112 -11.96 7.40 -10.47
CA LEU B 112 -11.34 6.93 -11.71
C LEU B 112 -12.09 7.46 -12.91
N LEU B 113 -13.41 7.39 -12.86
CA LEU B 113 -14.20 7.74 -14.04
C LEU B 113 -14.31 9.25 -14.26
N ALA B 114 -13.81 10.03 -13.30
CA ALA B 114 -13.66 11.46 -13.52
C ALA B 114 -12.72 11.75 -14.67
N TYR B 115 -11.84 10.80 -14.97
CA TYR B 115 -10.93 10.94 -16.11
C TYR B 115 -11.63 10.45 -17.38
N PRO B 116 -11.84 11.35 -18.36
CA PRO B 116 -12.66 10.94 -19.52
C PRO B 116 -11.98 9.87 -20.37
N ASN B 117 -10.65 9.71 -20.21
CA ASN B 117 -9.93 8.65 -20.89
C ASN B 117 -9.99 7.28 -20.22
N ALA B 118 -10.65 7.21 -19.08
CA ALA B 118 -10.92 5.91 -18.46
C ALA B 118 -12.33 5.45 -18.84
N GLN B 119 -12.47 4.15 -19.08
CA GLN B 119 -13.75 3.54 -19.45
C GLN B 119 -14.06 2.42 -18.49
N TRP B 120 -15.35 2.11 -18.34
CA TRP B 120 -15.76 1.04 -17.44
C TRP B 120 -16.78 0.17 -18.13
N ARG B 121 -16.64 -1.14 -17.98
N ARG B 121 -16.64 -1.14 -17.98
CA ARG B 121 -17.68 -2.07 -18.43
CA ARG B 121 -17.65 -2.08 -18.46
C ARG B 121 -17.94 -3.12 -17.37
C ARG B 121 -17.92 -3.13 -17.38
N GLU B 122 -19.20 -3.30 -17.00
CA GLU B 122 -19.53 -4.38 -16.07
C GLU B 122 -19.76 -5.63 -16.91
N ASP B 123 -18.84 -6.59 -16.80
CA ASP B 123 -18.87 -7.80 -17.61
C ASP B 123 -17.81 -8.72 -17.03
N SER B 124 -17.72 -9.93 -17.54
N SER B 124 -17.71 -9.92 -17.57
CA SER B 124 -16.71 -10.89 -17.12
CA SER B 124 -16.71 -10.89 -17.12
C SER B 124 -15.85 -11.28 -18.31
C SER B 124 -15.85 -11.34 -18.30
N VAL B 125 -14.54 -11.23 -18.17
CA VAL B 125 -13.64 -11.69 -19.23
C VAL B 125 -13.54 -13.20 -19.14
N VAL B 126 -13.93 -13.91 -20.20
CA VAL B 126 -13.88 -15.37 -20.17
C VAL B 126 -12.67 -15.97 -20.88
N ARG B 127 -12.09 -15.25 -21.83
CA ARG B 127 -10.90 -15.75 -22.51
C ARG B 127 -9.99 -14.60 -22.90
N ALA B 128 -8.69 -14.80 -22.70
CA ALA B 128 -7.68 -13.82 -23.09
C ALA B 128 -6.68 -14.47 -24.03
N GLU B 129 -6.34 -13.78 -25.11
CA GLU B 129 -5.46 -14.34 -26.13
C GLU B 129 -4.39 -13.32 -26.47
N ARG B 130 -3.17 -13.80 -26.64
CA ARG B 130 -2.11 -12.94 -27.13
C ARG B 130 -2.14 -12.85 -28.66
N SER B 131 -2.21 -11.64 -29.17
CA SER B 131 -1.88 -11.38 -30.57
C SER B 131 -0.45 -10.87 -30.54
N ASP B 132 0.17 -10.67 -31.69
CA ASP B 132 1.43 -9.94 -31.70
C ASP B 132 1.04 -8.48 -31.71
N ALA B 133 -0.22 -8.24 -32.10
CA ALA B 133 -0.82 -6.92 -32.10
C ALA B 133 -1.44 -6.59 -30.74
N GLY B 134 -0.93 -7.21 -29.68
CA GLY B 134 -1.39 -6.94 -28.33
C GLY B 134 -2.11 -8.12 -27.67
N TYR B 135 -3.19 -7.81 -26.97
CA TYR B 135 -4.02 -8.85 -26.37
C TYR B 135 -5.46 -8.70 -26.80
N THR B 136 -6.15 -9.82 -26.94
CA THR B 136 -7.57 -9.77 -27.25
C THR B 136 -8.35 -10.45 -26.13
N LEU B 137 -9.40 -9.79 -25.65
CA LEU B 137 -10.24 -10.35 -24.60
C LEU B 137 -11.63 -10.64 -25.14
N ILE B 138 -12.18 -11.78 -24.72
CA ILE B 138 -13.56 -12.13 -25.02
C ILE B 138 -14.33 -12.19 -23.71
N CYS B 139 -15.46 -11.48 -23.66
CA CYS B 139 -16.28 -11.42 -22.47
C CYS B 139 -17.47 -12.39 -22.50
N ALA B 140 -18.06 -12.63 -21.34
CA ALA B 140 -19.22 -13.52 -21.22
C ALA B 140 -20.38 -13.01 -22.09
N SER B 141 -20.45 -11.69 -22.23
CA SER B 141 -21.50 -11.05 -23.02
C SER B 141 -21.31 -11.29 -24.52
N GLY B 142 -20.13 -11.77 -24.91
CA GLY B 142 -19.80 -11.90 -26.31
C GLY B 142 -18.89 -10.79 -26.81
N GLN B 143 -18.85 -9.68 -26.09
CA GLN B 143 -18.04 -8.53 -26.53
C GLN B 143 -16.55 -8.85 -26.55
N HIS B 144 -15.86 -8.35 -27.59
CA HIS B 144 -14.41 -8.46 -27.69
C HIS B 144 -13.75 -7.12 -27.39
N TYR B 145 -12.54 -7.15 -26.85
CA TYR B 145 -11.76 -5.94 -26.60
C TYR B 145 -10.29 -6.18 -26.91
N ARG B 146 -9.56 -5.12 -27.24
CA ARG B 146 -8.15 -5.24 -27.56
C ARG B 146 -7.35 -4.24 -26.74
N ALA B 147 -6.15 -4.65 -26.34
CA ALA B 147 -5.26 -3.78 -25.58
C ALA B 147 -3.81 -4.12 -25.86
N CYS B 148 -2.95 -3.11 -25.80
CA CYS B 148 -1.52 -3.32 -25.89
C CYS B 148 -0.98 -4.05 -24.68
N GLN B 149 -1.53 -3.73 -23.49
CA GLN B 149 -1.12 -4.42 -22.27
C GLN B 149 -2.30 -4.75 -21.37
N LEU B 150 -2.07 -5.62 -20.39
CA LEU B 150 -3.13 -6.01 -19.47
C LEU B 150 -2.68 -5.86 -18.03
N VAL B 151 -3.62 -5.54 -17.15
CA VAL B 151 -3.37 -5.61 -15.73
C VAL B 151 -4.40 -6.56 -15.16
N LEU B 152 -3.92 -7.66 -14.57
CA LEU B 152 -4.81 -8.63 -13.94
C LEU B 152 -5.04 -8.22 -12.50
N ALA B 153 -6.32 -8.10 -12.13
CA ALA B 153 -6.68 -7.64 -10.80
C ALA B 153 -8.00 -8.27 -10.40
N PHE B 154 -8.17 -9.54 -10.74
CA PHE B 154 -9.48 -10.19 -10.64
C PHE B 154 -9.75 -10.89 -9.30
N GLY B 155 -8.79 -10.83 -8.39
CA GLY B 155 -9.00 -11.28 -7.02
C GLY B 155 -9.00 -12.79 -6.84
N VAL B 156 -9.23 -13.22 -5.59
CA VAL B 156 -9.33 -14.63 -5.29
C VAL B 156 -10.69 -14.93 -4.67
N VAL B 157 -11.04 -16.21 -4.65
CA VAL B 157 -12.32 -16.65 -4.11
C VAL B 157 -12.06 -17.56 -2.92
N ASP B 158 -12.70 -17.28 -1.78
CA ASP B 158 -12.49 -18.09 -0.60
C ASP B 158 -13.23 -19.41 -0.70
N GLU B 159 -12.60 -20.49 -0.24
CA GLU B 159 -13.19 -21.81 -0.24
C GLU B 159 -13.33 -22.26 1.20
N LEU B 160 -14.58 -22.39 1.66
CA LEU B 160 -14.84 -22.67 3.07
C LEU B 160 -15.16 -24.14 3.26
N PRO B 161 -14.83 -24.66 4.44
CA PRO B 161 -15.24 -26.03 4.77
C PRO B 161 -16.76 -26.17 4.72
N GLU B 162 -17.21 -27.35 4.30
CA GLU B 162 -18.61 -27.72 4.38
C GLU B 162 -18.93 -27.95 5.85
N LEU B 163 -19.41 -26.90 6.50
CA LEU B 163 -19.83 -26.97 7.90
C LEU B 163 -21.15 -26.22 8.00
N GLU B 164 -22.22 -26.93 8.37
CA GLU B 164 -23.55 -26.33 8.41
C GLU B 164 -23.55 -25.04 9.25
N GLY B 165 -24.06 -23.96 8.66
CA GLY B 165 -24.16 -22.69 9.37
C GLY B 165 -22.98 -21.75 9.17
N LEU B 166 -21.88 -22.26 8.62
CA LEU B 166 -20.68 -21.44 8.50
C LEU B 166 -20.78 -20.40 7.39
N GLU B 167 -21.19 -20.81 6.21
CA GLU B 167 -21.09 -19.90 5.07
C GLU B 167 -21.95 -18.64 5.20
N GLU B 168 -23.15 -18.76 5.77
CA GLU B 168 -24.03 -17.60 5.88
C GLU B 168 -23.57 -16.59 6.93
N ARG B 169 -22.57 -16.97 7.72
CA ARG B 169 -22.00 -16.06 8.73
C ARG B 169 -20.69 -15.44 8.26
N TRP B 170 -20.27 -15.79 7.05
CA TRP B 170 -19.00 -15.27 6.49
C TRP B 170 -19.05 -13.76 6.37
N GLY B 171 -18.05 -13.09 6.96
CA GLY B 171 -17.99 -11.65 6.94
C GLY B 171 -18.86 -11.00 8.00
N GLU B 172 -19.63 -11.81 8.72
CA GLU B 172 -20.49 -11.29 9.77
C GLU B 172 -20.00 -11.73 11.15
N SER B 173 -19.72 -13.03 11.31
CA SER B 173 -19.13 -13.51 12.57
C SER B 173 -18.08 -14.59 12.34
N VAL B 174 -17.82 -14.90 11.07
CA VAL B 174 -16.78 -15.84 10.67
C VAL B 174 -15.86 -15.10 9.74
N PHE B 175 -14.57 -15.15 10.03
CA PHE B 175 -13.59 -14.32 9.31
C PHE B 175 -12.29 -15.05 8.99
N HIS B 176 -11.44 -14.38 8.21
CA HIS B 176 -10.14 -14.91 7.82
C HIS B 176 -9.00 -14.12 8.49
N CYS B 177 -9.19 -12.81 8.63
CA CYS B 177 -8.09 -11.88 8.94
C CYS B 177 -8.36 -11.13 10.25
N PRO B 178 -7.59 -11.43 11.30
CA PRO B 178 -7.89 -10.80 12.59
C PRO B 178 -7.54 -9.32 12.65
N TYR B 179 -6.63 -8.84 11.80
CA TYR B 179 -6.36 -7.40 11.76
C TYR B 179 -7.57 -6.69 11.18
N CYS B 180 -8.32 -7.40 10.34
CA CYS B 180 -9.48 -6.82 9.68
C CYS B 180 -10.70 -6.81 10.58
N HIS B 181 -10.88 -7.84 11.38
CA HIS B 181 -12.15 -7.97 12.09
C HIS B 181 -12.06 -8.45 13.54
N GLY B 182 -10.84 -8.61 14.05
CA GLY B 182 -10.68 -9.05 15.43
C GLY B 182 -11.08 -8.04 16.51
N TYR B 183 -10.80 -6.77 16.26
CA TYR B 183 -11.00 -5.73 17.28
C TYR B 183 -12.45 -5.67 17.75
N GLU B 184 -13.38 -5.76 16.80
CA GLU B 184 -14.78 -5.55 17.12
C GLU B 184 -15.38 -6.69 17.95
N LEU B 185 -14.61 -7.77 18.15
CA LEU B 185 -15.07 -8.86 19.02
C LEU B 185 -14.94 -8.46 20.50
N ASP B 186 -14.28 -7.33 20.75
CA ASP B 186 -14.24 -6.69 22.08
C ASP B 186 -13.64 -7.57 23.16
N GLY B 187 -12.58 -8.29 22.82
CA GLY B 187 -11.89 -9.14 23.76
C GLY B 187 -12.68 -10.34 24.26
N GLY B 188 -13.77 -10.68 23.57
CA GLY B 188 -14.57 -11.85 23.92
C GLY B 188 -13.99 -13.19 23.46
N ARG B 189 -14.85 -14.20 23.36
CA ARG B 189 -14.37 -15.56 23.03
C ARG B 189 -14.23 -15.77 21.54
N ILE B 190 -13.15 -16.41 21.12
CA ILE B 190 -12.88 -16.61 19.71
C ILE B 190 -12.58 -18.06 19.41
N GLY B 191 -13.21 -18.61 18.37
CA GLY B 191 -12.90 -19.98 17.96
C GLY B 191 -12.06 -19.98 16.71
N VAL B 192 -11.00 -20.78 16.68
CA VAL B 192 -10.22 -20.95 15.47
C VAL B 192 -10.51 -22.34 14.92
N LEU B 193 -11.03 -22.41 13.70
CA LEU B 193 -11.31 -23.70 13.07
C LEU B 193 -10.03 -24.31 12.54
N GLY B 194 -9.61 -25.44 13.11
CA GLY B 194 -8.34 -26.06 12.73
C GLY B 194 -8.38 -26.64 11.33
N SER B 195 -7.22 -26.64 10.65
CA SER B 195 -7.16 -27.08 9.25
C SER B 195 -5.74 -27.21 8.70
N GLY B 196 -4.76 -27.46 9.54
CA GLY B 196 -3.38 -27.53 9.06
C GLY B 196 -2.45 -26.53 9.73
N PRO B 197 -1.17 -26.48 9.29
CA PRO B 197 -0.10 -25.77 9.99
C PRO B 197 -0.40 -24.30 10.26
N LEU B 198 -0.94 -23.59 9.26
CA LEU B 198 -1.24 -22.18 9.44
C LEU B 198 -2.32 -21.91 10.50
N SER B 199 -3.20 -22.89 10.71
N SER B 199 -3.23 -22.86 10.71
CA SER B 199 -4.23 -22.77 11.74
CA SER B 199 -4.30 -22.64 11.68
C SER B 199 -3.61 -22.67 13.12
C SER B 199 -3.73 -22.67 13.10
N TYR B 200 -2.56 -23.45 13.36
N TYR B 200 -2.64 -23.40 13.29
CA TYR B 200 -1.88 -23.44 14.64
CA TYR B 200 -1.98 -23.42 14.59
C TYR B 200 -1.28 -22.07 14.91
C TYR B 200 -1.31 -22.07 14.89
N LEU B 201 -0.64 -21.51 13.89
CA LEU B 201 -0.02 -20.20 14.04
C LEU B 201 -1.07 -19.12 14.28
N SER B 202 -2.18 -19.23 13.58
CA SER B 202 -3.32 -18.32 13.75
C SER B 202 -3.84 -18.39 15.18
N ALA B 203 -4.05 -19.59 15.68
CA ALA B 203 -4.53 -19.77 17.04
C ALA B 203 -3.54 -19.20 18.05
N MET B 204 -2.24 -19.24 17.72
N MET B 204 -2.25 -19.25 17.71
CA MET B 204 -1.22 -18.75 18.64
CA MET B 204 -1.21 -18.75 18.62
C MET B 204 -1.18 -17.23 18.65
C MET B 204 -1.20 -17.23 18.65
N LEU B 205 -1.66 -16.61 17.58
CA LEU B 205 -1.72 -15.15 17.48
C LEU B 205 -3.00 -14.60 18.08
N MET B 206 -4.08 -15.37 17.95
CA MET B 206 -5.42 -14.93 18.31
C MET B 206 -5.69 -14.42 19.75
N PRO B 207 -4.96 -14.92 20.76
CA PRO B 207 -5.19 -14.36 22.10
C PRO B 207 -5.01 -12.84 22.19
N GLU B 208 -4.24 -12.24 21.28
CA GLU B 208 -4.20 -10.79 21.19
C GLU B 208 -5.59 -10.16 21.14
N TRP B 209 -6.56 -10.87 20.56
CA TRP B 209 -7.90 -10.33 20.40
C TRP B 209 -8.95 -10.92 21.35
N GLY B 210 -8.67 -12.05 21.97
CA GLY B 210 -9.64 -12.63 22.90
C GLY B 210 -9.29 -14.02 23.33
N GLN B 211 -10.07 -14.58 24.26
CA GLN B 211 -9.81 -15.93 24.73
C GLN B 211 -10.03 -16.92 23.58
N THR B 212 -9.01 -17.67 23.24
CA THR B 212 -9.01 -18.44 22.00
C THR B 212 -9.16 -19.94 22.21
N VAL B 213 -10.03 -20.56 21.43
CA VAL B 213 -10.16 -22.02 21.45
C VAL B 213 -9.79 -22.56 20.07
N PHE B 214 -8.90 -23.56 20.04
CA PHE B 214 -8.57 -24.25 18.79
C PHE B 214 -9.50 -25.45 18.60
N LEU B 215 -10.27 -25.45 17.51
CA LEU B 215 -11.24 -26.51 17.25
C LEU B 215 -10.77 -27.49 16.17
N THR B 216 -10.56 -28.75 16.54
CA THR B 216 -10.07 -29.77 15.60
C THR B 216 -11.19 -30.38 14.78
N ASP B 217 -12.43 -30.23 15.24
CA ASP B 217 -13.58 -30.85 14.59
C ASP B 217 -13.37 -32.37 14.44
N ALA B 218 -12.64 -32.97 15.39
CA ALA B 218 -12.39 -34.41 15.38
C ALA B 218 -11.77 -34.90 14.08
N SER B 219 -11.04 -34.04 13.38
CA SER B 219 -10.61 -34.35 12.02
C SER B 219 -9.09 -34.41 11.85
N PHE B 220 -8.37 -34.33 12.97
CA PHE B 220 -6.92 -34.47 13.02
C PHE B 220 -6.51 -34.19 14.46
N GLU B 221 -5.39 -34.76 14.88
CA GLU B 221 -4.83 -34.38 16.17
C GLU B 221 -3.56 -33.58 15.94
N PRO B 222 -3.47 -32.40 16.56
CA PRO B 222 -2.19 -31.71 16.71
C PRO B 222 -1.16 -32.67 17.28
N ASP B 223 0.08 -32.63 16.79
CA ASP B 223 1.13 -33.43 17.41
C ASP B 223 1.49 -32.78 18.73
N GLU B 224 2.29 -33.47 19.55
CA GLU B 224 2.54 -32.94 20.90
C GLU B 224 3.33 -31.64 20.90
N GLU B 225 4.08 -31.39 19.84
CA GLU B 225 4.76 -30.11 19.74
C GLU B 225 3.72 -28.98 19.72
N GLN B 226 2.78 -29.03 18.78
CA GLN B 226 1.76 -28.00 18.72
C GLN B 226 0.85 -27.99 19.96
N ARG B 227 0.53 -29.16 20.50
CA ARG B 227 -0.26 -29.24 21.72
C ARG B 227 0.41 -28.44 22.83
N GLU B 228 1.71 -28.63 22.97
CA GLU B 228 2.47 -28.06 24.08
C GLU B 228 2.47 -26.52 24.08
N ALA B 229 2.74 -25.93 22.93
CA ALA B 229 2.79 -24.48 22.83
C ALA B 229 1.41 -23.81 22.92
N LEU B 230 0.36 -24.51 22.50
CA LEU B 230 -1.00 -23.97 22.59
C LEU B 230 -1.40 -23.80 24.05
N ALA B 231 -1.14 -24.83 24.86
CA ALA B 231 -1.40 -24.78 26.29
C ALA B 231 -0.58 -23.67 26.94
N ARG B 232 0.59 -23.44 26.34
CA ARG B 232 1.53 -22.41 26.78
C ARG B 232 1.15 -21.04 26.21
N ARG B 233 -0.13 -20.86 25.91
N ARG B 233 -0.14 -20.85 25.95
CA ARG B 233 -0.66 -19.58 25.45
CA ARG B 233 -0.68 -19.60 25.43
C ARG B 233 -2.06 -19.40 26.01
C ARG B 233 -2.07 -19.40 26.02
N GLY B 234 -2.57 -20.45 26.64
CA GLY B 234 -3.92 -20.40 27.17
C GLY B 234 -4.93 -20.69 26.07
N VAL B 235 -4.48 -21.32 25.00
CA VAL B 235 -5.40 -21.77 23.96
C VAL B 235 -5.87 -23.21 24.22
N GLU B 236 -7.11 -23.34 24.66
CA GLU B 236 -7.73 -24.63 24.89
C GLU B 236 -7.91 -25.35 23.57
N ILE B 237 -7.69 -26.67 23.55
CA ILE B 237 -8.02 -27.44 22.37
C ILE B 237 -9.34 -28.18 22.60
N VAL B 238 -10.29 -28.01 21.69
CA VAL B 238 -11.54 -28.76 21.75
C VAL B 238 -11.59 -29.73 20.57
N ARG B 239 -11.71 -31.03 20.86
CA ARG B 239 -11.55 -32.06 19.83
C ARG B 239 -12.85 -32.65 19.31
N ASP B 240 -13.97 -32.16 19.84
CA ASP B 240 -15.25 -32.75 19.52
C ASP B 240 -15.69 -32.43 18.10
N ARG B 241 -16.45 -33.36 17.53
N ARG B 241 -16.44 -33.35 17.52
CA ARG B 241 -17.04 -33.16 16.21
CA ARG B 241 -17.02 -33.16 16.19
C ARG B 241 -18.08 -32.03 16.26
C ARG B 241 -18.10 -32.06 16.23
N ILE B 242 -18.02 -31.12 15.30
CA ILE B 242 -18.99 -30.02 15.23
C ILE B 242 -20.13 -30.38 14.30
N ALA B 243 -21.37 -30.19 14.76
CA ALA B 243 -22.53 -30.46 13.94
C ALA B 243 -22.92 -29.24 13.11
N ARG B 244 -22.91 -28.06 13.74
CA ARG B 244 -23.31 -26.83 13.03
C ARG B 244 -22.93 -25.60 13.82
N ILE B 245 -22.99 -24.45 13.15
CA ILE B 245 -22.88 -23.15 13.81
C ILE B 245 -24.27 -22.55 13.94
N VAL B 246 -24.59 -22.03 15.14
CA VAL B 246 -25.90 -21.45 15.41
C VAL B 246 -25.74 -20.08 16.08
N ASP B 247 -26.86 -19.36 16.25
CA ASP B 247 -26.85 -18.02 16.82
C ASP B 247 -25.79 -17.16 16.14
N ARG B 248 -25.05 -16.38 16.91
CA ARG B 248 -24.04 -15.53 16.30
C ARG B 248 -22.86 -16.33 15.75
N ALA B 249 -22.19 -17.08 16.63
CA ALA B 249 -21.02 -17.87 16.26
C ALA B 249 -20.89 -19.00 17.25
N THR B 250 -22.02 -19.56 17.65
CA THR B 250 -22.01 -20.64 18.61
C THR B 250 -21.78 -21.99 17.94
N VAL B 251 -20.80 -22.74 18.44
CA VAL B 251 -20.49 -24.03 17.86
C VAL B 251 -21.38 -25.06 18.56
N GLU B 252 -22.14 -25.81 17.78
CA GLU B 252 -22.94 -26.89 18.35
C GLU B 252 -22.30 -28.22 17.98
N LEU B 253 -21.93 -28.99 18.99
CA LEU B 253 -21.25 -30.27 18.78
C LEU B 253 -22.23 -31.37 18.39
N ALA B 254 -21.69 -32.46 17.83
CA ALA B 254 -22.50 -33.62 17.45
C ALA B 254 -23.27 -34.17 18.65
N ASP B 255 -22.75 -33.98 19.85
CA ASP B 255 -23.44 -34.47 21.03
C ASP B 255 -24.41 -33.45 21.62
N GLY B 256 -24.57 -32.30 20.93
CA GLY B 256 -25.57 -31.31 21.28
C GLY B 256 -25.08 -30.17 22.16
N ARG B 257 -23.90 -30.31 22.76
CA ARG B 257 -23.42 -29.27 23.65
C ARG B 257 -22.99 -28.07 22.81
N ARG B 258 -23.06 -26.88 23.39
CA ARG B 258 -22.74 -25.66 22.65
C ARG B 258 -21.60 -24.90 23.32
N ILE B 259 -20.76 -24.28 22.49
CA ILE B 259 -19.77 -23.35 22.98
C ILE B 259 -20.00 -22.02 22.26
N ALA B 260 -20.34 -21.00 23.03
CA ALA B 260 -20.74 -19.72 22.44
C ALA B 260 -19.51 -18.88 22.21
N PHE B 261 -19.21 -18.59 20.95
CA PHE B 261 -18.10 -17.72 20.63
C PHE B 261 -18.66 -16.40 20.14
N ASP B 262 -17.85 -15.36 20.18
CA ASP B 262 -18.24 -14.08 19.63
C ASP B 262 -17.85 -13.98 18.16
N GLY B 263 -16.88 -14.82 17.76
CA GLY B 263 -16.43 -14.86 16.39
C GLY B 263 -15.60 -16.09 16.12
N LEU B 264 -15.60 -16.52 14.86
CA LEU B 264 -14.81 -17.67 14.43
C LEU B 264 -13.81 -17.22 13.38
N PHE B 265 -12.60 -17.80 13.43
CA PHE B 265 -11.64 -17.57 12.37
C PHE B 265 -11.24 -18.83 11.64
N THR B 266 -10.95 -18.69 10.35
N THR B 266 -11.02 -18.73 10.34
CA THR B 266 -10.61 -19.79 9.48
CA THR B 266 -10.57 -19.87 9.56
C THR B 266 -9.37 -19.43 8.66
C THR B 266 -9.41 -19.46 8.66
N MET B 267 -8.42 -20.35 8.57
CA MET B 267 -7.30 -20.17 7.66
C MET B 267 -7.64 -20.96 6.41
N ASN B 268 -8.67 -20.50 5.70
CA ASN B 268 -9.23 -21.27 4.59
C ASN B 268 -8.44 -21.16 3.31
N ARG B 269 -8.65 -22.09 2.40
CA ARG B 269 -7.97 -22.07 1.10
C ARG B 269 -8.63 -21.03 0.22
N MET B 270 -7.88 -20.57 -0.79
CA MET B 270 -8.40 -19.62 -1.77
C MET B 270 -8.02 -20.10 -3.16
N ARG B 271 -8.85 -19.76 -4.17
CA ARG B 271 -8.54 -20.05 -5.56
C ARG B 271 -8.50 -18.74 -6.35
N LEU B 272 -7.79 -18.71 -7.48
CA LEU B 272 -7.87 -17.55 -8.37
C LEU B 272 -9.31 -17.42 -8.91
N SER B 273 -9.83 -16.19 -9.00
CA SER B 273 -11.20 -15.96 -9.48
C SER B 273 -11.37 -16.40 -10.92
N SER B 274 -10.27 -16.38 -11.68
CA SER B 274 -10.34 -16.50 -13.12
C SER B 274 -9.17 -17.31 -13.65
N PRO B 275 -9.39 -18.08 -14.73
CA PRO B 275 -8.33 -18.82 -15.41
C PRO B 275 -7.56 -17.97 -16.44
N VAL B 276 -7.86 -16.68 -16.52
CA VAL B 276 -7.22 -15.81 -17.52
C VAL B 276 -5.70 -15.72 -17.39
N ALA B 277 -5.19 -15.75 -16.17
CA ALA B 277 -3.74 -15.71 -15.95
C ALA B 277 -3.10 -16.96 -16.55
N GLU B 278 -3.70 -18.12 -16.30
CA GLU B 278 -3.20 -19.38 -16.86
C GLU B 278 -3.32 -19.40 -18.39
N GLN B 279 -4.44 -18.90 -18.91
CA GLN B 279 -4.62 -18.82 -20.36
C GLN B 279 -3.50 -18.02 -21.02
N LEU B 280 -3.01 -17.01 -20.32
CA LEU B 280 -2.00 -16.11 -20.88
C LEU B 280 -0.59 -16.63 -20.64
N GLY B 281 -0.47 -17.81 -20.05
CA GLY B 281 0.83 -18.42 -19.83
C GLY B 281 1.57 -17.88 -18.63
N CYS B 282 0.87 -17.08 -17.82
CA CYS B 282 1.47 -16.51 -16.61
C CYS B 282 1.86 -17.60 -15.62
N ALA B 283 3.11 -17.56 -15.16
CA ALA B 283 3.56 -18.52 -14.16
C ALA B 283 2.77 -18.36 -12.87
N ILE B 284 2.30 -19.48 -12.34
CA ILE B 284 1.50 -19.49 -11.12
C ILE B 284 2.18 -20.38 -10.09
N GLU B 285 2.25 -19.90 -8.84
CA GLU B 285 2.91 -20.61 -7.76
C GLU B 285 1.88 -21.04 -6.73
N GLU B 286 2.08 -22.23 -6.16
CA GLU B 286 1.22 -22.64 -5.05
C GLU B 286 1.78 -22.10 -3.74
N GLY B 287 0.94 -21.36 -3.02
CA GLY B 287 1.24 -20.99 -1.65
C GLY B 287 0.56 -22.00 -0.75
N PRO B 288 0.70 -21.83 0.56
CA PRO B 288 0.16 -22.79 1.53
C PRO B 288 -1.35 -22.85 1.45
N LEU B 289 -1.97 -21.72 1.12
CA LEU B 289 -3.44 -21.63 1.14
C LEU B 289 -4.03 -21.46 -0.24
N GLY B 290 -3.20 -21.53 -1.27
CA GLY B 290 -3.72 -21.46 -2.62
C GLY B 290 -2.70 -20.81 -3.52
N PRO B 291 -3.02 -20.73 -4.82
CA PRO B 291 -2.10 -20.22 -5.86
C PRO B 291 -2.06 -18.71 -5.94
N TYR B 292 -0.96 -18.19 -6.47
CA TYR B 292 -0.88 -16.77 -6.77
C TYR B 292 -0.12 -16.61 -8.08
N VAL B 293 -0.36 -15.50 -8.76
CA VAL B 293 0.33 -15.21 -10.02
C VAL B 293 1.70 -14.60 -9.70
N ARG B 294 2.76 -15.21 -10.22
CA ARG B 294 4.10 -14.73 -9.95
C ARG B 294 4.31 -13.36 -10.57
N THR B 295 4.93 -12.45 -9.82
CA THR B 295 5.25 -11.13 -10.35
C THR B 295 6.68 -10.77 -9.97
N ASP B 296 7.29 -9.87 -10.73
CA ASP B 296 8.58 -9.31 -10.33
C ASP B 296 8.36 -8.02 -9.56
N ASP B 297 9.42 -7.22 -9.43
CA ASP B 297 9.40 -5.98 -8.66
C ASP B 297 8.45 -4.92 -9.21
N ALA B 298 8.20 -4.98 -10.52
CA ALA B 298 7.34 -3.98 -11.16
C ALA B 298 5.96 -4.57 -11.39
N MET B 299 5.65 -5.63 -10.66
CA MET B 299 4.37 -6.34 -10.75
C MET B 299 4.09 -6.94 -12.14
N GLU B 300 5.15 -7.19 -12.91
CA GLU B 300 4.96 -7.81 -14.22
C GLU B 300 4.98 -9.32 -14.05
N THR B 301 4.06 -10.00 -14.73
CA THR B 301 4.03 -11.46 -14.71
C THR B 301 5.11 -12.03 -15.62
N SER B 302 5.17 -13.35 -15.74
CA SER B 302 6.15 -13.99 -16.62
C SER B 302 5.82 -13.73 -18.09
N THR B 303 4.61 -13.26 -18.37
CA THR B 303 4.21 -12.94 -19.73
C THR B 303 4.37 -11.43 -19.94
N PRO B 304 5.35 -11.02 -20.76
CA PRO B 304 5.60 -9.58 -20.90
C PRO B 304 4.37 -8.79 -21.36
N GLY B 305 4.14 -7.64 -20.72
CA GLY B 305 3.00 -6.81 -21.04
C GLY B 305 1.77 -7.16 -20.22
N VAL B 306 1.87 -8.22 -19.43
CA VAL B 306 0.81 -8.59 -18.50
C VAL B 306 1.27 -8.39 -17.07
N PHE B 307 0.59 -7.50 -16.35
CA PHE B 307 0.94 -7.17 -14.98
C PHE B 307 -0.13 -7.77 -14.07
N ALA B 308 0.11 -7.78 -12.77
CA ALA B 308 -0.87 -8.33 -11.83
C ALA B 308 -0.77 -7.62 -10.49
N CYS B 309 -1.88 -7.53 -9.77
CA CYS B 309 -1.88 -6.83 -8.49
C CYS B 309 -3.06 -7.28 -7.64
N GLY B 310 -3.04 -6.89 -6.37
CA GLY B 310 -4.10 -7.30 -5.45
C GLY B 310 -3.89 -8.69 -4.89
N ASP B 311 -4.99 -9.33 -4.49
CA ASP B 311 -4.95 -10.60 -3.77
C ASP B 311 -4.35 -11.73 -4.59
N ILE B 312 -4.38 -11.61 -5.91
CA ILE B 312 -3.80 -12.67 -6.74
C ILE B 312 -2.27 -12.69 -6.75
N THR B 313 -1.63 -11.70 -6.13
CA THR B 313 -0.17 -11.67 -6.04
C THR B 313 0.29 -12.08 -4.64
N HIS B 314 1.57 -12.43 -4.51
CA HIS B 314 2.02 -13.03 -3.25
C HIS B 314 1.86 -12.10 -2.05
N ARG B 315 2.08 -10.82 -2.27
CA ARG B 315 1.98 -9.88 -1.16
C ARG B 315 0.70 -9.07 -1.23
N GLY B 316 -0.42 -9.77 -1.36
CA GLY B 316 -1.73 -9.17 -1.26
C GLY B 316 -2.42 -9.80 -0.08
N GLY B 317 -3.72 -9.60 0.05
CA GLY B 317 -4.46 -10.14 1.16
C GLY B 317 -5.23 -9.08 1.91
N THR B 318 -4.91 -7.81 1.66
CA THR B 318 -5.62 -6.71 2.30
C THR B 318 -5.84 -5.56 1.30
N VAL B 319 -6.72 -4.63 1.65
CA VAL B 319 -6.99 -3.49 0.79
C VAL B 319 -5.78 -2.52 0.71
N ALA B 320 -5.07 -2.34 1.83
CA ALA B 320 -3.93 -1.42 1.83
C ALA B 320 -2.88 -1.90 0.83
N LEU B 321 -2.65 -3.21 0.81
CA LEU B 321 -1.70 -3.79 -0.11
C LEU B 321 -2.22 -3.75 -1.55
N ALA B 322 -3.52 -3.96 -1.73
CA ALA B 322 -4.08 -3.89 -3.08
C ALA B 322 -3.91 -2.50 -3.67
N ILE B 323 -4.13 -1.48 -2.85
CA ILE B 323 -3.97 -0.11 -3.31
C ILE B 323 -2.51 0.20 -3.63
N GLY B 324 -1.61 -0.22 -2.73
CA GLY B 324 -0.18 -0.01 -2.94
C GLY B 324 0.38 -0.74 -4.15
N ASN B 325 0.14 -2.05 -4.27
CA ASN B 325 0.74 -2.74 -5.42
C ASN B 325 -0.04 -2.53 -6.71
N GLY B 326 -1.31 -2.16 -6.59
CA GLY B 326 -2.06 -1.69 -7.74
C GLY B 326 -1.40 -0.47 -8.35
N ALA B 327 -1.01 0.48 -7.51
CA ALA B 327 -0.39 1.72 -8.00
C ALA B 327 0.93 1.41 -8.68
N LEU B 328 1.71 0.50 -8.10
CA LEU B 328 2.95 0.06 -8.74
C LEU B 328 2.70 -0.54 -10.11
N ALA B 329 1.73 -1.44 -10.19
CA ALA B 329 1.43 -2.10 -11.44
C ALA B 329 0.97 -1.12 -12.52
N GLY B 330 0.18 -0.12 -12.12
CA GLY B 330 -0.28 0.88 -13.07
C GLY B 330 0.87 1.73 -13.59
N ILE B 331 1.75 2.16 -12.70
CA ILE B 331 2.91 2.95 -13.12
C ILE B 331 3.81 2.13 -14.05
N ALA B 332 4.03 0.88 -13.67
CA ALA B 332 4.89 0.00 -14.43
C ALA B 332 4.32 -0.28 -15.81
N ALA B 333 3.02 -0.49 -15.88
CA ALA B 333 2.36 -0.70 -17.17
C ALA B 333 2.58 0.53 -18.06
N HIS B 334 2.42 1.72 -17.48
CA HIS B 334 2.59 2.93 -18.27
C HIS B 334 4.04 3.05 -18.76
N ARG B 335 4.99 2.83 -17.86
CA ARG B 335 6.40 2.93 -18.21
C ARG B 335 6.74 2.00 -19.37
N LYS B 336 6.15 0.82 -19.39
CA LYS B 336 6.43 -0.12 -20.48
C LYS B 336 5.83 0.37 -21.78
N LEU B 337 4.69 1.06 -21.70
CA LEU B 337 4.10 1.67 -22.89
C LEU B 337 5.06 2.67 -23.51
N VAL B 338 5.76 3.43 -22.67
CA VAL B 338 6.65 4.47 -23.16
C VAL B 338 8.04 3.96 -23.55
N PHE B 339 8.66 3.19 -22.66
CA PHE B 339 10.04 2.75 -22.88
C PHE B 339 10.17 1.33 -23.39
N GLY B 340 9.05 0.62 -23.50
CA GLY B 340 9.07 -0.76 -23.97
C GLY B 340 9.47 -1.75 -22.90
PA FAD C . 5.89 12.48 5.19
O1A FAD C . 6.97 13.46 4.71
O2A FAD C . 4.57 12.74 4.55
O5B FAD C . 5.70 12.73 6.79
C5B FAD C . 6.73 12.63 7.72
C4B FAD C . 6.36 13.07 9.06
O4B FAD C . 7.39 12.75 9.96
C3B FAD C . 6.23 14.57 9.06
O3B FAD C . 4.97 14.96 9.62
C2B FAD C . 7.35 15.00 9.82
O2B FAD C . 7.19 16.24 10.44
C1B FAD C . 7.60 13.87 10.78
N9A FAD C . 9.02 13.92 11.28
C8A FAD C . 10.22 14.15 10.71
N7A FAD C . 11.12 14.05 11.71
C5A FAD C . 10.49 13.77 12.88
C6A FAD C . 10.95 13.58 14.17
N6A FAD C . 12.33 13.66 14.44
N1A FAD C . 10.07 13.30 15.16
C2A FAD C . 8.76 13.22 14.88
N3A FAD C . 8.28 13.41 13.64
C4A FAD C . 9.12 13.69 12.61
N1 FAD C . 2.53 11.69 -3.42
C2 FAD C . 1.37 11.22 -3.88
O2 FAD C . 1.08 9.92 -3.76
N3 FAD C . 0.51 12.02 -4.51
C4 FAD C . 0.74 13.33 -4.67
O4 FAD C . -0.12 14.08 -5.25
C4X FAD C . 1.95 13.85 -4.20
N5 FAD C . 2.24 15.16 -4.35
C5X FAD C . 3.41 15.63 -3.89
C6 FAD C . 3.71 16.98 -4.05
C7 FAD C . 4.93 17.49 -3.58
C7M FAD C . 5.24 18.89 -3.78
C8 FAD C . 5.84 16.64 -2.96
C8M FAD C . 7.15 17.20 -2.53
C9 FAD C . 5.54 15.28 -2.79
C9A FAD C . 4.32 14.76 -3.25
N10 FAD C . 4.01 13.44 -3.11
C10 FAD C . 2.84 12.99 -3.57
C1' FAD C . 4.88 12.48 -2.36
C2' FAD C . 4.63 12.44 -0.84
O2' FAD C . 4.49 13.47 -0.29
C3' FAD C . 5.24 11.28 -0.07
O3' FAD C . 5.35 10.09 -0.80
C4' FAD C . 4.48 11.05 1.25
O4' FAD C . 4.17 12.23 1.90
C5' FAD C . 5.34 10.29 2.16
O5' FAD C . 4.75 9.86 3.37
P FAD C . 5.60 9.71 4.66
O1P FAD C . 4.62 9.31 5.81
O2P FAD C . 6.67 8.62 4.40
O3P FAD C . 6.40 11.06 4.93
CL CL D . 5.94 16.24 -6.70
MG MG E . -4.36 11.16 -3.99
P PO4 F . 20.18 27.27 -26.46
O1 PO4 F . 21.19 27.83 -27.42
O2 PO4 F . 20.45 27.77 -25.04
O3 PO4 F . 18.80 27.73 -26.86
O4 PO4 F . 20.27 25.76 -26.48
C1 EDO G . -6.31 -5.07 8.09
O1 EDO G . -7.34 -5.39 7.23
C2 EDO G . -4.92 -5.11 7.54
O2 EDO G . -4.42 -3.95 7.00
C1 EDO H . 11.45 23.04 0.50
O1 EDO H . 12.52 23.91 0.60
C2 EDO H . 11.79 21.62 0.24
O2 EDO H . 12.51 20.95 1.21
C1 EDO I . 1.08 9.36 -8.11
O1 EDO I . 1.18 10.29 -7.10
C2 EDO I . 1.48 7.95 -7.82
O2 EDO I . 0.51 7.11 -7.29
PA FAD J . -11.32 -8.13 -5.15
O1A FAD J . -11.72 -9.54 -4.75
O2A FAD J . -11.73 -7.11 -4.14
O5B FAD J . -12.09 -7.73 -6.54
C5B FAD J . -11.89 -8.41 -7.74
C4B FAD J . -12.76 -7.98 -8.81
O4B FAD J . -12.42 -8.63 -10.00
C3B FAD J . -14.15 -8.39 -8.46
O3B FAD J . -15.03 -7.26 -8.54
C2B FAD J . -14.46 -9.40 -9.40
O2B FAD J . -15.81 -9.53 -9.71
C1B FAD J . -13.61 -9.09 -10.58
N9A FAD J . -13.40 -10.34 -11.36
C8A FAD J . -13.17 -11.62 -11.05
N7A FAD J . -13.09 -12.27 -12.22
C5A FAD J . -13.29 -11.40 -13.24
C6A FAD J . -13.33 -11.55 -14.62
N6A FAD J . -13.13 -12.83 -15.18
N1A FAD J . -13.57 -10.47 -15.40
C2A FAD J . -13.76 -9.26 -14.83
N3A FAD J . -13.72 -9.09 -13.51
C4A FAD J . -13.51 -10.13 -12.68
N1 FAD J . -9.20 -6.30 3.71
C2 FAD J . -8.96 -5.16 4.38
O2 FAD J . -7.87 -4.45 4.10
N3 FAD J . -9.76 -4.73 5.35
C4 FAD J . -10.84 -5.43 5.71
O4 FAD J . -11.60 -5.01 6.66
C4X FAD J . -11.12 -6.62 5.06
N5 FAD J . -12.20 -7.36 5.37
C5X FAD J . -12.45 -8.51 4.71
C6 FAD J . -13.58 -9.28 5.05
C7 FAD J . -13.83 -10.48 4.40
C7M FAD J . -15.01 -11.29 4.74
C8 FAD J . -12.98 -10.90 3.39
C8M FAD J . -13.25 -12.20 2.73
C9 FAD J . -11.85 -10.14 3.03
C9A FAD J . -11.59 -8.93 3.70
N10 FAD J . -10.50 -8.18 3.37
C10 FAD J . -10.26 -7.04 4.04
C1' FAD J . -9.60 -8.52 2.23
C2' FAD J . -10.07 -8.02 0.85
O2' FAD J . -11.20 -8.12 0.56
C3' FAD J . -9.03 -8.03 -0.24
O3' FAD J . -7.70 -7.79 0.21
C4' FAD J . -9.42 -7.05 -1.38
O4' FAD J . -10.76 -7.14 -1.70
C5' FAD J . -8.68 -7.38 -2.61
O5' FAD J . -8.81 -6.49 -3.70
P FAD J . -8.71 -7.00 -5.16
O1P FAD J . -8.90 -5.76 -6.09
O2P FAD J . -7.35 -7.70 -5.38
O3P FAD J . -9.83 -8.12 -5.43
CL CL K . -11.57 -11.47 7.12
C1 EDO L . -18.08 -6.79 9.39
O1 EDO L . -17.80 -5.44 9.43
C2 EDO L . -19.41 -7.23 9.87
O2 EDO L . -20.44 -7.39 8.94
C1 EDO M . -6.71 5.71 1.54
O1 EDO M . -7.63 6.19 2.45
C2 EDO M . -7.31 5.13 0.30
O2 EDO M . -8.40 5.80 -0.23
#